data_3JVG
#
_entry.id   3JVG
#
_cell.length_a   40.839
_cell.length_b   112.124
_cell.length_c   201.773
_cell.angle_alpha   90.00
_cell.angle_beta   90.00
_cell.angle_gamma   90.00
#
_symmetry.space_group_name_H-M   'P 21 21 21'
#
loop_
_entity.id
_entity.type
_entity.pdbx_description
1 polymer 'T-cell surface glycoprotein CD1A1 antigen'
2 polymer Beta-2-microglobulin
3 non-polymer 'UNKNOWN LIGAND'
4 non-polymer 'CHLORIDE ION'
5 non-polymer 2-acetamido-2-deoxy-beta-D-glucopyranose
6 water water
#
loop_
_entity_poly.entity_id
_entity_poly.type
_entity_poly.pdbx_seq_one_letter_code
_entity_poly.pdbx_strand_id
1 'polypeptide(L)'
;EPEGSHMLKLLHFATFQNSTSVLVGGLGLLGDVKMGSLDSRTGNIRYYRPWLRPSLPKGDWDVIESSIKSYVRDFSRLVQ
MYTTVPYPFVFQSSIGCELQSNGTIRTFFDIAYEGQNFLRFNLDAGTWDQMQHNQLSAKAEHLMANASTLNEVIQVLLND
TCVDILRLFIQAGKADLERQVPPMAVVFARTAGQAQLLLVCRVTSFYPRPIAVTWLRDGREVPPSPALSTGTVLPNADLT
YQLRSTLLVSPQDGHGYACRVQHCSLGDRSLLVPWHHHHHH
;
A,B
2 'polypeptide(L)'
;DLTPKVQVYSRFPASAGTKNVLNCFAAGFHPPKISITLMKDGVPMEGAQYSDMSFNDDWTFQRLVHADFTPSSGSTYACK
VEHETLKEPQVYKWDPEF
;
C,D
#
loop_
_chem_comp.id
_chem_comp.type
_chem_comp.name
_chem_comp.formula
CL non-polymer 'CHLORIDE ION' 'Cl -1'
NAG D-saccharide, beta linking 2-acetamido-2-deoxy-beta-D-glucopyranose 'C8 H15 N O6'
UNL non-polymer 'UNKNOWN LIGAND' ?
#
# COMPACT_ATOMS: atom_id res chain seq x y z
N SER A 5 -39.31 -3.41 -3.78
CA SER A 5 -38.67 -4.66 -4.32
C SER A 5 -37.91 -5.55 -3.32
N HIS A 6 -38.22 -6.85 -3.32
CA HIS A 6 -37.53 -7.85 -2.51
C HIS A 6 -37.18 -9.11 -3.29
N MET A 7 -36.17 -9.81 -2.80
CA MET A 7 -35.59 -10.94 -3.52
C MET A 7 -35.12 -11.99 -2.54
N LEU A 8 -35.39 -13.23 -2.88
CA LEU A 8 -34.90 -14.35 -2.14
C LEU A 8 -34.01 -15.04 -3.13
N LYS A 9 -32.76 -15.31 -2.75
CA LYS A 9 -31.81 -15.91 -3.64
C LYS A 9 -30.96 -17.02 -3.03
N LEU A 10 -30.92 -18.16 -3.68
CA LEU A 10 -30.08 -19.24 -3.24
C LEU A 10 -28.95 -19.39 -4.22
N LEU A 11 -27.74 -19.41 -3.70
CA LEU A 11 -26.53 -19.52 -4.50
C LEU A 11 -25.85 -20.84 -4.17
N HIS A 12 -25.38 -21.52 -5.19
CA HIS A 12 -24.62 -22.74 -4.97
C HIS A 12 -23.40 -22.71 -5.89
N PHE A 13 -22.29 -23.30 -5.44
CA PHE A 13 -21.16 -23.46 -6.36
C PHE A 13 -20.45 -24.74 -6.05
N ALA A 14 -19.75 -25.27 -7.06
CA ALA A 14 -19.06 -26.54 -6.95
C ALA A 14 -17.80 -26.58 -7.82
N THR A 15 -16.69 -26.88 -7.20
CA THR A 15 -15.48 -27.12 -7.94
C THR A 15 -15.32 -28.63 -8.08
N PHE A 16 -15.38 -29.12 -9.30
CA PHE A 16 -15.07 -30.52 -9.49
C PHE A 16 -13.58 -30.73 -9.64
N GLN A 17 -12.96 -31.32 -8.64
CA GLN A 17 -11.50 -31.50 -8.70
C GLN A 17 -11.05 -32.75 -9.51
N ASN A 18 -11.78 -33.85 -9.38
CA ASN A 18 -11.56 -35.07 -10.16
C ASN A 18 -12.89 -35.82 -10.23
N SER A 19 -12.90 -37.04 -10.74
CA SER A 19 -14.18 -37.72 -10.92
C SER A 19 -14.87 -38.11 -9.59
N THR A 20 -14.15 -38.09 -8.46
CA THR A 20 -14.76 -38.50 -7.19
C THR A 20 -14.84 -37.40 -6.13
N SER A 21 -14.32 -36.22 -6.44
CA SER A 21 -14.11 -35.19 -5.43
C SER A 21 -14.66 -33.86 -5.91
N VAL A 22 -15.53 -33.29 -5.07
CA VAL A 22 -16.15 -31.99 -5.36
C VAL A 22 -16.32 -31.13 -4.09
N LEU A 23 -15.89 -29.89 -4.18
CA LEU A 23 -16.01 -28.96 -3.05
C LEU A 23 -17.20 -28.02 -3.32
N VAL A 24 -18.22 -28.13 -2.47
CA VAL A 24 -19.47 -27.43 -2.71
C VAL A 24 -19.60 -26.30 -1.71
N GLY A 25 -20.22 -25.22 -2.10
CA GLY A 25 -20.64 -24.26 -1.09
C GLY A 25 -22.00 -23.72 -1.49
N GLY A 26 -22.71 -23.12 -0.54
CA GLY A 26 -23.92 -22.40 -0.88
C GLY A 26 -24.37 -21.40 0.14
N LEU A 27 -25.12 -20.41 -0.33
CA LEU A 27 -25.60 -19.27 0.47
C LEU A 27 -27.04 -18.97 0.16
N GLY A 28 -27.77 -18.53 1.18
CA GLY A 28 -29.21 -18.13 1.07
C GLY A 28 -29.25 -16.62 1.36
N LEU A 29 -29.84 -15.84 0.47
CA LEU A 29 -29.87 -14.42 0.69
C LEU A 29 -31.27 -13.88 0.57
N LEU A 30 -31.56 -12.88 1.40
CA LEU A 30 -32.76 -12.13 1.36
C LEU A 30 -32.28 -10.69 1.18
N GLY A 31 -32.35 -10.21 -0.05
CA GLY A 31 -31.64 -8.98 -0.43
C GLY A 31 -30.16 -9.20 -0.19
N ASP A 32 -29.55 -8.36 0.67
CA ASP A 32 -28.13 -8.59 1.00
C ASP A 32 -28.03 -9.15 2.43
N VAL A 33 -29.14 -9.56 3.02
CA VAL A 33 -29.10 -10.18 4.34
C VAL A 33 -28.84 -11.68 4.19
N LYS A 34 -27.73 -12.14 4.75
CA LYS A 34 -27.36 -13.55 4.62
C LYS A 34 -28.21 -14.41 5.57
N MET A 35 -29.09 -15.27 5.01
CA MET A 35 -29.99 -16.06 5.83
C MET A 35 -29.25 -17.24 6.42
N GLY A 36 -28.40 -17.87 5.63
CA GLY A 36 -27.62 -19.02 6.07
C GLY A 36 -26.75 -19.58 4.96
N SER A 37 -26.14 -20.71 5.22
CA SER A 37 -25.21 -21.26 4.29
C SER A 37 -25.09 -22.76 4.50
N LEU A 38 -24.29 -23.34 3.63
CA LEU A 38 -24.04 -24.75 3.57
C LEU A 38 -22.63 -24.98 4.08
N ASP A 39 -22.55 -25.82 5.10
CA ASP A 39 -21.28 -26.18 5.77
C ASP A 39 -20.53 -27.00 4.75
N SER A 40 -19.50 -26.40 4.18
CA SER A 40 -18.78 -26.99 3.04
C SER A 40 -18.11 -28.34 3.39
N ARG A 41 -17.98 -28.66 4.69
CA ARG A 41 -17.51 -29.97 5.17
C ARG A 41 -18.62 -31.02 5.44
N THR A 42 -19.66 -30.66 6.20
CA THR A 42 -20.72 -31.64 6.57
C THR A 42 -21.92 -31.54 5.68
N GLY A 43 -22.11 -30.37 5.07
CA GLY A 43 -23.26 -30.13 4.22
C GLY A 43 -24.56 -29.82 4.96
N ASN A 44 -24.45 -29.57 6.27
CA ASN A 44 -25.59 -29.20 7.09
C ASN A 44 -25.83 -27.72 6.91
N ILE A 45 -27.10 -27.32 6.94
CA ILE A 45 -27.44 -25.94 6.77
C ILE A 45 -27.24 -25.21 8.07
N ARG A 46 -26.72 -23.99 7.96
CA ARG A 46 -26.50 -23.12 9.11
C ARG A 46 -27.42 -21.92 8.93
N TYR A 47 -28.03 -21.47 10.01
CA TYR A 47 -29.03 -20.40 10.02
C TYR A 47 -28.47 -19.22 10.74
N TYR A 48 -28.43 -18.09 10.09
CA TYR A 48 -27.71 -16.92 10.64
C TYR A 48 -28.65 -15.89 11.30
N ARG A 49 -29.94 -15.91 10.97
CA ARG A 49 -30.87 -14.90 11.47
C ARG A 49 -31.88 -15.57 12.43
N PRO A 50 -32.11 -14.96 13.58
CA PRO A 50 -32.96 -15.55 14.60
C PRO A 50 -34.43 -15.65 14.21
N TRP A 51 -34.92 -14.81 13.30
CA TRP A 51 -36.34 -14.90 12.87
C TRP A 51 -36.62 -16.08 11.90
N LEU A 52 -35.58 -16.70 11.34
CA LEU A 52 -35.79 -17.78 10.34
C LEU A 52 -36.51 -19.01 10.87
N ARG A 53 -35.88 -19.73 11.81
CA ARG A 53 -36.43 -21.02 12.28
C ARG A 53 -37.84 -20.95 12.80
N PRO A 54 -38.22 -19.90 13.55
CA PRO A 54 -39.59 -19.91 14.03
C PRO A 54 -40.59 -19.45 13.00
N SER A 55 -40.10 -19.01 11.83
CA SER A 55 -41.02 -18.52 10.83
C SER A 55 -41.74 -19.66 10.12
N LEU A 56 -41.19 -20.86 10.15
CA LEU A 56 -41.86 -22.05 9.57
C LEU A 56 -41.78 -23.20 10.57
N PRO A 57 -42.74 -24.15 10.51
CA PRO A 57 -42.61 -25.30 11.41
C PRO A 57 -41.44 -26.22 11.00
N LYS A 58 -40.92 -26.90 12.00
CA LYS A 58 -39.91 -27.90 11.83
C LYS A 58 -40.09 -28.75 10.56
N GLY A 59 -41.26 -29.36 10.34
CA GLY A 59 -41.47 -30.19 9.16
C GLY A 59 -41.16 -29.46 7.84
N ASP A 60 -41.56 -28.20 7.71
CA ASP A 60 -41.16 -27.43 6.54
C ASP A 60 -39.63 -27.28 6.40
N TRP A 61 -38.97 -26.84 7.48
CA TRP A 61 -37.51 -26.87 7.51
C TRP A 61 -36.88 -28.20 7.08
N ASP A 62 -37.36 -29.31 7.64
CA ASP A 62 -36.88 -30.62 7.25
C ASP A 62 -36.97 -30.86 5.73
N VAL A 63 -38.10 -30.51 5.12
CA VAL A 63 -38.28 -30.66 3.69
C VAL A 63 -37.33 -29.74 2.88
N ILE A 64 -37.20 -28.49 3.34
CA ILE A 64 -36.29 -27.54 2.72
C ILE A 64 -34.85 -28.06 2.79
N GLU A 65 -34.39 -28.53 3.96
CA GLU A 65 -33.02 -29.05 4.09
C GLU A 65 -32.76 -30.24 3.20
N SER A 66 -33.64 -31.23 3.28
CA SER A 66 -33.55 -32.40 2.44
C SER A 66 -33.60 -32.06 0.94
N SER A 67 -34.42 -31.10 0.51
CA SER A 67 -34.42 -30.68 -0.90
C SER A 67 -33.12 -29.98 -1.30
N ILE A 68 -32.61 -29.08 -0.44
CA ILE A 68 -31.30 -28.51 -0.68
C ILE A 68 -30.20 -29.58 -0.84
N LYS A 69 -30.15 -30.52 0.10
CA LYS A 69 -29.09 -31.50 0.11
C LYS A 69 -29.21 -32.44 -1.10
N SER A 70 -30.44 -32.80 -1.49
CA SER A 70 -30.66 -33.60 -2.70
C SER A 70 -30.23 -32.81 -3.91
N TYR A 71 -30.57 -31.51 -3.95
CA TYR A 71 -30.19 -30.72 -5.11
C TYR A 71 -28.67 -30.80 -5.29
N VAL A 72 -27.92 -30.49 -4.24
CA VAL A 72 -26.48 -30.45 -4.27
C VAL A 72 -25.86 -31.79 -4.71
N ARG A 73 -26.26 -32.87 -4.03
CA ARG A 73 -25.85 -34.20 -4.32
C ARG A 73 -26.18 -34.63 -5.76
N ASP A 74 -27.40 -34.34 -6.22
CA ASP A 74 -27.82 -34.81 -7.54
C ASP A 74 -27.09 -34.03 -8.60
N PHE A 75 -26.87 -32.74 -8.35
CA PHE A 75 -26.06 -31.85 -9.23
C PHE A 75 -24.71 -32.48 -9.46
N SER A 76 -24.04 -32.87 -8.39
CA SER A 76 -22.69 -33.40 -8.54
C SER A 76 -22.72 -34.69 -9.29
N ARG A 77 -23.76 -35.46 -9.05
CA ARG A 77 -23.87 -36.76 -9.70
C ARG A 77 -24.13 -36.61 -11.18
N LEU A 78 -25.00 -35.69 -11.56
CA LEU A 78 -25.30 -35.50 -12.97
C LEU A 78 -24.09 -35.07 -13.79
N VAL A 79 -23.31 -34.12 -13.23
CA VAL A 79 -22.11 -33.60 -13.84
C VAL A 79 -21.10 -34.72 -14.04
N GLN A 80 -20.85 -35.50 -13.00
CA GLN A 80 -19.86 -36.57 -13.11
C GLN A 80 -20.27 -37.62 -14.11
N MET A 81 -21.57 -37.91 -14.16
CA MET A 81 -22.14 -38.88 -15.11
C MET A 81 -22.03 -38.44 -16.58
N TYR A 82 -22.27 -37.16 -16.86
CA TYR A 82 -22.41 -36.72 -18.24
C TYR A 82 -21.35 -35.80 -18.84
N THR A 83 -20.26 -35.49 -18.14
CA THR A 83 -19.28 -34.53 -18.69
C THR A 83 -18.29 -35.12 -19.69
N VAL A 85 -15.18 -33.73 -20.88
CA VAL A 85 -14.67 -32.47 -20.33
C VAL A 85 -13.80 -32.69 -19.07
N PRO A 86 -12.58 -32.13 -19.08
CA PRO A 86 -11.54 -32.45 -18.08
C PRO A 86 -11.60 -31.65 -16.80
N TYR A 87 -11.18 -32.31 -15.73
CA TYR A 87 -11.14 -31.72 -14.39
C TYR A 87 -9.94 -30.81 -14.42
N PRO A 88 -9.87 -29.74 -13.57
CA PRO A 88 -10.87 -29.10 -12.67
C PRO A 88 -11.81 -28.05 -13.37
N PHE A 89 -13.02 -27.93 -12.88
CA PHE A 89 -13.93 -26.92 -13.42
C PHE A 89 -14.97 -26.56 -12.37
N VAL A 90 -15.71 -25.50 -12.63
CA VAL A 90 -16.68 -25.03 -11.68
C VAL A 90 -18.06 -24.78 -12.26
N PHE A 91 -19.04 -25.28 -11.55
CA PHE A 91 -20.43 -24.96 -11.80
C PHE A 91 -20.95 -24.10 -10.69
N GLN A 92 -21.87 -23.20 -11.05
CA GLN A 92 -22.65 -22.42 -10.13
C GLN A 92 -24.15 -22.44 -10.46
N SER A 93 -24.97 -22.27 -9.42
CA SER A 93 -26.41 -22.02 -9.60
C SER A 93 -26.83 -20.81 -8.83
N SER A 94 -27.83 -20.10 -9.38
CA SER A 94 -28.47 -18.96 -8.73
C SER A 94 -29.94 -19.22 -8.93
N ILE A 95 -30.71 -19.33 -7.82
CA ILE A 95 -32.09 -19.77 -7.93
C ILE A 95 -32.92 -18.93 -7.00
N GLY A 96 -34.08 -18.44 -7.47
CA GLY A 96 -34.87 -17.59 -6.59
C GLY A 96 -36.03 -16.86 -7.24
N CYS A 97 -36.53 -15.80 -6.58
CA CYS A 97 -37.64 -15.04 -7.10
C CYS A 97 -37.54 -13.67 -6.52
N GLU A 98 -38.20 -12.72 -7.18
CA GLU A 98 -38.20 -11.34 -6.78
C GLU A 98 -39.63 -10.83 -6.85
N LEU A 99 -40.03 -10.02 -5.87
CA LEU A 99 -41.34 -9.44 -5.81
C LEU A 99 -41.17 -7.93 -5.96
N GLN A 100 -41.72 -7.33 -7.01
CA GLN A 100 -41.86 -5.86 -7.05
C GLN A 100 -43.01 -5.36 -6.16
N SER A 101 -43.04 -4.04 -5.91
CA SER A 101 -44.19 -3.43 -5.16
C SER A 101 -45.47 -3.58 -5.97
N ASN A 102 -45.33 -3.46 -7.31
CA ASN A 102 -46.31 -3.91 -8.34
C ASN A 102 -47.13 -5.11 -7.83
N GLY A 103 -46.45 -6.11 -7.27
CA GLY A 103 -47.01 -7.42 -7.07
C GLY A 103 -46.45 -8.37 -8.12
N THR A 104 -45.74 -7.79 -9.08
CA THR A 104 -45.11 -8.53 -10.17
C THR A 104 -43.97 -9.50 -9.71
N ILE A 105 -44.04 -10.74 -10.19
CA ILE A 105 -43.09 -11.78 -9.80
C ILE A 105 -42.06 -11.94 -10.89
N ARG A 106 -40.77 -11.98 -10.51
CA ARG A 106 -39.76 -12.46 -11.44
C ARG A 106 -39.11 -13.67 -10.81
N THR A 107 -38.91 -14.74 -11.60
CA THR A 107 -38.26 -15.93 -11.08
C THR A 107 -36.99 -16.14 -11.87
N PHE A 108 -36.02 -16.85 -11.29
CA PHE A 108 -34.80 -17.13 -12.00
C PHE A 108 -34.25 -18.47 -11.58
N PHE A 109 -33.68 -19.19 -12.55
CA PHE A 109 -32.99 -20.42 -12.20
C PHE A 109 -31.96 -20.57 -13.32
N ASP A 110 -30.71 -20.17 -12.99
CA ASP A 110 -29.60 -20.16 -13.90
C ASP A 110 -28.47 -21.05 -13.37
N ILE A 111 -27.85 -21.76 -14.31
CA ILE A 111 -26.63 -22.47 -14.08
C ILE A 111 -25.49 -21.87 -14.88
N ALA A 112 -24.36 -21.68 -14.17
CA ALA A 112 -23.19 -21.23 -14.85
C ALA A 112 -22.15 -22.34 -14.92
N TYR A 113 -21.28 -22.17 -15.93
CA TYR A 113 -20.20 -23.11 -16.18
C TYR A 113 -19.04 -22.28 -16.61
N GLU A 114 -17.90 -22.54 -15.98
CA GLU A 114 -16.70 -21.73 -16.09
CA GLU A 114 -16.72 -21.70 -16.09
C GLU A 114 -17.06 -20.25 -16.03
N GLY A 115 -17.90 -19.85 -15.08
CA GLY A 115 -18.22 -18.42 -14.89
C GLY A 115 -19.07 -17.74 -15.95
N GLN A 116 -19.79 -18.51 -16.76
CA GLN A 116 -20.68 -17.92 -17.77
C GLN A 116 -21.99 -18.64 -17.79
N ASN A 117 -23.09 -17.93 -18.09
CA ASN A 117 -24.43 -18.55 -18.19
C ASN A 117 -24.30 -19.79 -19.03
N PHE A 118 -24.85 -20.89 -18.54
CA PHE A 118 -24.73 -22.15 -19.22
C PHE A 118 -26.13 -22.77 -19.49
N LEU A 119 -27.03 -22.65 -18.52
CA LEU A 119 -28.39 -23.13 -18.70
C LEU A 119 -29.31 -22.18 -17.96
N ARG A 120 -30.47 -21.92 -18.55
CA ARG A 120 -31.44 -21.03 -17.94
C ARG A 120 -32.87 -21.63 -18.07
N PHE A 121 -33.55 -21.70 -16.93
CA PHE A 121 -34.90 -22.17 -16.90
C PHE A 121 -35.88 -21.16 -17.48
N ASN A 122 -36.81 -21.67 -18.26
CA ASN A 122 -37.86 -20.86 -18.83
C ASN A 122 -39.09 -21.28 -18.10
N LEU A 123 -39.58 -20.40 -17.22
CA LEU A 123 -40.76 -20.70 -16.39
C LEU A 123 -42.05 -21.02 -17.19
N ASP A 124 -42.38 -20.22 -18.20
CA ASP A 124 -43.69 -20.42 -18.88
C ASP A 124 -43.77 -21.75 -19.66
N ALA A 125 -42.70 -22.08 -20.37
CA ALA A 125 -42.65 -23.30 -21.15
C ALA A 125 -42.26 -24.46 -20.26
N GLY A 126 -41.78 -24.18 -19.06
CA GLY A 126 -41.29 -25.25 -18.22
C GLY A 126 -40.20 -26.03 -18.94
N THR A 127 -39.27 -25.34 -19.58
CA THR A 127 -38.11 -26.04 -20.10
C THR A 127 -36.81 -25.24 -19.89
N TRP A 128 -35.71 -25.72 -20.48
CA TRP A 128 -34.38 -25.13 -20.41
C TRP A 128 -33.87 -24.46 -21.66
N ASP A 129 -33.34 -23.24 -21.51
CA ASP A 129 -32.57 -22.55 -22.57
C ASP A 129 -31.07 -22.84 -22.46
N GLN A 130 -30.51 -23.28 -23.59
CA GLN A 130 -29.08 -23.46 -23.76
C GLN A 130 -28.47 -22.05 -23.83
N MET A 131 -27.49 -21.78 -22.96
CA MET A 131 -26.87 -20.45 -22.90
C MET A 131 -25.45 -20.35 -23.54
N GLN A 132 -24.81 -21.47 -23.78
CA GLN A 132 -23.48 -21.49 -24.45
C GLN A 132 -23.58 -22.24 -25.75
N HIS A 133 -22.90 -21.73 -26.76
CA HIS A 133 -22.90 -22.30 -28.09
C HIS A 133 -21.79 -23.34 -28.21
N ASN A 134 -21.94 -24.43 -27.46
CA ASN A 134 -20.97 -25.50 -27.48
C ASN A 134 -21.63 -26.82 -27.15
N GLN A 135 -20.93 -27.92 -27.40
CA GLN A 135 -21.55 -29.23 -27.17
C GLN A 135 -21.94 -29.52 -25.72
N LEU A 136 -21.13 -29.12 -24.76
CA LEU A 136 -21.50 -29.39 -23.36
C LEU A 136 -22.84 -28.76 -23.00
N SER A 137 -23.05 -27.49 -23.31
CA SER A 137 -24.33 -26.81 -23.02
C SER A 137 -25.51 -27.43 -23.83
N ALA A 138 -25.29 -27.76 -25.09
CA ALA A 138 -26.26 -28.49 -25.90
C ALA A 138 -26.64 -29.81 -25.24
N LYS A 139 -25.68 -30.57 -24.72
CA LYS A 139 -26.00 -31.85 -24.08
C LYS A 139 -26.85 -31.60 -22.84
N ALA A 140 -26.40 -30.68 -21.99
CA ALA A 140 -27.10 -30.38 -20.74
C ALA A 140 -28.56 -29.99 -21.00
N GLU A 141 -28.79 -29.20 -22.04
CA GLU A 141 -30.12 -28.73 -22.37
C GLU A 141 -30.99 -29.90 -22.77
N HIS A 142 -30.48 -30.78 -23.61
CA HIS A 142 -31.32 -31.93 -24.01
C HIS A 142 -31.61 -32.90 -22.88
N LEU A 143 -30.64 -33.05 -21.98
CA LEU A 143 -30.76 -33.94 -20.84
C LEU A 143 -31.86 -33.43 -19.91
N MET A 144 -31.76 -32.14 -19.55
CA MET A 144 -32.71 -31.47 -18.68
C MET A 144 -34.08 -31.28 -19.36
N ALA A 145 -34.11 -31.11 -20.68
CA ALA A 145 -35.40 -31.08 -21.43
C ALA A 145 -36.18 -32.36 -21.27
N ASN A 146 -35.44 -33.44 -21.03
CA ASN A 146 -36.02 -34.76 -20.92
C ASN A 146 -36.66 -34.98 -19.53
N ALA A 147 -36.31 -34.18 -18.54
CA ALA A 147 -36.87 -34.36 -17.21
C ALA A 147 -38.19 -33.54 -17.07
N SER A 148 -39.26 -34.03 -17.72
CA SER A 148 -40.54 -33.28 -17.79
C SER A 148 -41.17 -33.05 -16.43
N THR A 149 -41.17 -34.10 -15.62
CA THR A 149 -41.79 -34.11 -14.36
C THR A 149 -41.05 -33.19 -13.42
N LEU A 150 -39.71 -33.33 -13.35
CA LEU A 150 -38.89 -32.41 -12.56
C LEU A 150 -39.19 -30.96 -12.96
N ASN A 151 -39.30 -30.72 -14.26
CA ASN A 151 -39.48 -29.36 -14.75
C ASN A 151 -40.84 -28.78 -14.37
N GLU A 152 -41.90 -29.58 -14.45
CA GLU A 152 -43.21 -29.24 -13.87
C GLU A 152 -43.13 -28.86 -12.38
N VAL A 153 -42.41 -29.64 -11.59
CA VAL A 153 -42.21 -29.33 -10.17
C VAL A 153 -41.35 -28.06 -9.99
N ILE A 154 -40.29 -27.90 -10.76
CA ILE A 154 -39.49 -26.64 -10.71
C ILE A 154 -40.39 -25.39 -10.93
N GLN A 155 -41.36 -25.48 -11.82
CA GLN A 155 -42.25 -24.36 -12.12
C GLN A 155 -42.99 -23.90 -10.89
N VAL A 156 -43.49 -24.87 -10.14
CA VAL A 156 -44.23 -24.56 -8.91
C VAL A 156 -43.30 -24.07 -7.82
N LEU A 157 -42.10 -24.65 -7.73
CA LEU A 157 -41.14 -24.22 -6.72
C LEU A 157 -40.83 -22.76 -6.93
N LEU A 158 -40.52 -22.38 -8.18
CA LEU A 158 -40.16 -20.99 -8.50
C LEU A 158 -41.35 -20.05 -8.34
N ASN A 159 -42.49 -20.38 -8.93
CA ASN A 159 -43.59 -19.41 -9.03
C ASN A 159 -44.52 -19.34 -7.82
N ASP A 160 -44.58 -20.42 -7.03
CA ASP A 160 -45.52 -20.50 -5.91
C ASP A 160 -44.77 -20.58 -4.57
N THR A 161 -43.98 -21.63 -4.40
CA THR A 161 -43.38 -21.84 -3.13
C THR A 161 -42.26 -20.82 -2.80
N CYS A 162 -41.41 -20.48 -3.76
CA CYS A 162 -40.41 -19.44 -3.54
C CYS A 162 -41.05 -18.10 -3.16
N VAL A 163 -42.06 -17.69 -3.92
CA VAL A 163 -42.81 -16.43 -3.69
C VAL A 163 -43.51 -16.42 -2.32
N ASP A 164 -44.20 -17.53 -2.01
CA ASP A 164 -44.87 -17.62 -0.75
C ASP A 164 -43.90 -17.50 0.40
N ILE A 165 -42.76 -18.19 0.32
CA ILE A 165 -41.76 -18.08 1.36
C ILE A 165 -41.17 -16.67 1.42
N LEU A 166 -40.91 -16.09 0.26
CA LEU A 166 -40.50 -14.69 0.20
C LEU A 166 -41.45 -13.77 0.99
N ARG A 167 -42.77 -13.82 0.70
CA ARG A 167 -43.74 -12.92 1.34
C ARG A 167 -43.63 -13.06 2.85
N LEU A 168 -43.56 -14.31 3.28
CA LEU A 168 -43.44 -14.63 4.67
C LEU A 168 -42.11 -14.14 5.30
N PHE A 169 -40.99 -14.25 4.57
CA PHE A 169 -39.68 -13.79 5.05
C PHE A 169 -39.61 -12.24 5.14
N ILE A 170 -40.22 -11.56 4.17
CA ILE A 170 -40.38 -10.09 4.26
C ILE A 170 -41.04 -9.68 5.59
N GLN A 171 -42.06 -10.43 6.01
CA GLN A 171 -42.75 -10.14 7.25
C GLN A 171 -41.94 -10.56 8.46
N ALA A 172 -41.43 -11.79 8.46
CA ALA A 172 -40.68 -12.28 9.61
C ALA A 172 -39.36 -11.51 9.85
N GLY A 173 -38.66 -11.19 8.77
CA GLY A 173 -37.39 -10.48 8.89
C GLY A 173 -37.45 -8.97 8.66
N LYS A 174 -38.62 -8.37 8.90
CA LYS A 174 -38.86 -6.98 8.53
C LYS A 174 -37.83 -6.08 9.22
N ALA A 175 -37.45 -6.42 10.45
CA ALA A 175 -36.42 -5.68 11.18
C ALA A 175 -35.09 -5.62 10.46
N ASP A 176 -34.66 -6.72 9.83
CA ASP A 176 -33.43 -6.69 9.05
C ASP A 176 -33.60 -5.82 7.79
N LEU A 177 -34.73 -6.02 7.14
CA LEU A 177 -34.96 -5.42 5.86
C LEU A 177 -35.08 -3.92 6.03
N GLU A 178 -35.64 -3.49 7.15
CA GLU A 178 -35.91 -2.06 7.26
C GLU A 178 -34.86 -1.34 8.06
N ARG A 179 -33.84 -2.08 8.45
CA ARG A 179 -32.75 -1.54 9.21
C ARG A 179 -32.13 -0.41 8.38
N GLN A 180 -31.92 0.73 9.01
CA GLN A 180 -31.07 1.73 8.38
C GLN A 180 -29.95 2.24 9.27
N VAL A 181 -28.83 2.59 8.63
CA VAL A 181 -27.67 3.16 9.32
C VAL A 181 -27.20 4.36 8.51
N PRO A 182 -27.11 5.54 9.15
CA PRO A 182 -26.69 6.71 8.40
C PRO A 182 -25.20 6.74 7.94
N PRO A 183 -24.96 7.30 6.75
CA PRO A 183 -23.56 7.49 6.28
C PRO A 183 -22.77 8.49 7.14
N MET A 184 -21.48 8.24 7.27
CA MET A 184 -20.54 9.24 7.76
C MET A 184 -19.58 9.55 6.62
N ALA A 185 -19.24 10.82 6.47
CA ALA A 185 -18.41 11.26 5.33
C ALA A 185 -17.29 12.20 5.75
N VAL A 186 -16.09 11.98 5.24
CA VAL A 186 -15.00 12.94 5.32
C VAL A 186 -14.49 13.32 3.90
N VAL A 187 -13.97 14.55 3.78
CA VAL A 187 -13.33 15.04 2.56
C VAL A 187 -11.89 15.48 2.86
N PHE A 188 -10.94 15.08 2.05
CA PHE A 188 -9.57 15.52 2.22
C PHE A 188 -8.96 15.58 0.83
N ALA A 189 -7.80 16.22 0.70
CA ALA A 189 -7.11 16.29 -0.58
C ALA A 189 -5.82 15.44 -0.62
N ARG A 190 -5.58 14.84 -1.78
CA ARG A 190 -4.35 14.07 -2.07
C ARG A 190 -3.47 14.86 -3.06
N THR A 191 -2.13 14.78 -2.90
CA THR A 191 -1.24 15.49 -3.82
C THR A 191 -1.39 14.99 -5.24
N ALA A 192 -1.32 15.89 -6.22
CA ALA A 192 -1.51 15.51 -7.61
C ALA A 192 -0.58 16.25 -8.59
N GLN A 196 -2.50 20.57 -10.00
CA GLN A 196 -3.69 19.74 -9.73
C GLN A 196 -3.70 19.13 -8.31
N LEU A 197 -4.91 18.94 -7.79
CA LEU A 197 -5.11 18.32 -6.49
C LEU A 197 -6.24 17.30 -6.66
N LEU A 198 -6.17 16.18 -5.94
CA LEU A 198 -7.22 15.17 -6.02
C LEU A 198 -8.09 15.22 -4.77
N LEU A 199 -9.32 15.67 -4.92
CA LEU A 199 -10.23 15.70 -3.79
C LEU A 199 -10.91 14.33 -3.62
N VAL A 200 -11.00 13.89 -2.37
CA VAL A 200 -11.53 12.56 -2.01
C VAL A 200 -12.69 12.68 -1.01
N CYS A 201 -13.84 12.09 -1.37
CA CYS A 201 -14.92 11.99 -0.45
C CYS A 201 -15.04 10.49 -0.08
N ARG A 202 -14.86 10.19 1.20
CA ARG A 202 -14.91 8.84 1.75
C ARG A 202 -16.11 8.75 2.69
N VAL A 203 -17.03 7.86 2.31
CA VAL A 203 -18.28 7.70 3.00
C VAL A 203 -18.26 6.28 3.55
N THR A 204 -18.63 6.14 4.82
CA THR A 204 -18.77 4.80 5.39
C THR A 204 -20.00 4.68 6.30
N SER A 205 -20.21 3.46 6.79
CA SER A 205 -21.25 3.17 7.77
C SER A 205 -22.68 3.14 7.22
N PHE A 206 -22.93 3.18 5.92
CA PHE A 206 -24.31 3.33 5.52
C PHE A 206 -24.94 1.99 5.24
N TYR A 207 -26.22 1.91 5.54
CA TYR A 207 -27.06 0.79 5.16
C TYR A 207 -28.46 1.38 5.04
N PRO A 208 -29.20 0.98 3.99
CA PRO A 208 -28.90 0.02 2.89
C PRO A 208 -27.93 0.55 1.82
N ARG A 209 -27.57 -0.32 0.89
CA ARG A 209 -26.51 -0.09 -0.09
C ARG A 209 -26.73 1.09 -1.09
N PRO A 210 -27.97 1.37 -1.58
CA PRO A 210 -28.10 2.47 -2.58
C PRO A 210 -27.72 3.79 -1.97
N ILE A 211 -26.93 4.58 -2.68
CA ILE A 211 -26.48 5.87 -2.18
C ILE A 211 -26.13 6.70 -3.37
N ALA A 212 -26.09 8.01 -3.20
CA ALA A 212 -25.67 8.91 -4.28
C ALA A 212 -24.70 9.91 -3.67
N VAL A 213 -23.46 9.84 -4.13
CA VAL A 213 -22.39 10.73 -3.68
C VAL A 213 -22.00 11.55 -4.91
N THR A 214 -22.14 12.89 -4.85
CA THR A 214 -21.82 13.78 -5.98
C THR A 214 -21.00 14.95 -5.46
N TRP A 215 -20.28 15.60 -6.37
CA TRP A 215 -19.46 16.74 -6.01
C TRP A 215 -20.19 17.99 -6.46
N LEU A 216 -20.11 19.04 -5.64
CA LEU A 216 -20.65 20.33 -5.98
C LEU A 216 -19.53 21.31 -6.08
N ARG A 217 -19.58 22.11 -7.14
CA ARG A 217 -18.69 23.21 -7.36
C ARG A 217 -19.59 24.43 -7.27
N ASP A 218 -19.38 25.22 -6.21
CA ASP A 218 -20.21 26.40 -5.92
C ASP A 218 -21.68 26.08 -5.82
N GLY A 219 -21.99 24.98 -5.16
CA GLY A 219 -23.37 24.54 -5.01
C GLY A 219 -23.91 23.79 -6.21
N ARG A 220 -23.12 23.69 -7.27
CA ARG A 220 -23.59 23.08 -8.51
C ARG A 220 -22.94 21.75 -8.84
N GLU A 221 -23.76 20.75 -9.17
CA GLU A 221 -23.32 19.39 -9.46
C GLU A 221 -22.28 19.35 -10.58
N VAL A 222 -21.11 18.80 -10.28
CA VAL A 222 -20.09 18.61 -11.32
C VAL A 222 -20.51 17.47 -12.23
N PRO A 223 -20.64 17.75 -13.53
CA PRO A 223 -21.02 16.74 -14.53
C PRO A 223 -19.98 15.61 -14.66
N PRO A 224 -20.38 14.48 -15.24
CA PRO A 224 -19.40 13.41 -15.40
C PRO A 224 -18.32 13.79 -16.40
N SER A 225 -17.09 13.41 -16.06
CA SER A 225 -15.98 13.49 -16.97
C SER A 225 -14.94 12.56 -16.40
N PRO A 226 -13.83 12.31 -17.14
CA PRO A 226 -12.67 11.61 -16.56
C PRO A 226 -11.99 12.30 -15.33
N ALA A 227 -12.19 13.60 -15.09
CA ALA A 227 -11.77 14.22 -13.80
C ALA A 227 -12.50 13.67 -12.53
N LEU A 228 -13.73 13.17 -12.72
CA LEU A 228 -14.57 12.70 -11.60
C LEU A 228 -14.67 11.16 -11.63
N SER A 229 -14.08 10.50 -10.64
CA SER A 229 -14.28 9.06 -10.48
C SER A 229 -15.23 8.79 -9.33
N THR A 230 -16.36 8.15 -9.57
CA THR A 230 -16.95 7.54 -8.40
C THR A 230 -16.59 6.07 -8.32
N GLY A 231 -16.17 5.66 -7.13
CA GLY A 231 -15.57 4.35 -6.98
C GLY A 231 -16.66 3.33 -6.94
N THR A 232 -16.31 2.13 -6.51
CA THR A 232 -17.29 1.08 -6.37
C THR A 232 -17.62 0.93 -4.86
N VAL A 233 -18.82 0.47 -4.54
CA VAL A 233 -19.25 0.31 -3.15
C VAL A 233 -18.56 -0.91 -2.53
N LEU A 234 -18.06 -0.78 -1.30
CA LEU A 234 -17.28 -1.83 -0.69
C LEU A 234 -17.98 -2.27 0.60
N PRO A 235 -17.93 -3.57 0.90
CA PRO A 235 -18.66 -3.95 2.10
C PRO A 235 -17.89 -3.76 3.40
N ASN A 236 -18.58 -3.41 4.47
CA ASN A 236 -18.00 -3.61 5.81
C ASN A 236 -18.52 -4.89 6.43
N ALA A 237 -17.82 -5.34 7.47
CA ALA A 237 -18.17 -6.58 8.11
C ALA A 237 -19.42 -6.51 8.95
N ASP A 238 -19.84 -5.31 9.34
CA ASP A 238 -21.08 -5.23 10.14
C ASP A 238 -22.29 -4.97 9.25
N LEU A 239 -22.29 -5.46 8.01
CA LEU A 239 -23.34 -5.14 7.05
C LEU A 239 -23.72 -3.64 6.91
N THR A 240 -22.68 -2.84 6.64
CA THR A 240 -22.83 -1.47 6.22
C THR A 240 -21.87 -1.42 5.08
N TYR A 241 -21.78 -0.27 4.41
CA TYR A 241 -21.06 -0.13 3.18
C TYR A 241 -20.18 1.14 3.21
N GLN A 242 -19.24 1.20 2.25
CA GLN A 242 -18.29 2.27 2.14
C GLN A 242 -18.18 2.57 0.70
N LEU A 243 -17.91 3.85 0.43
CA LEU A 243 -17.74 4.35 -0.94
C LEU A 243 -16.65 5.41 -0.90
N ARG A 244 -15.83 5.51 -1.95
CA ARG A 244 -14.99 6.68 -2.15
C ARG A 244 -15.23 7.30 -3.51
N SER A 245 -15.27 8.62 -3.58
CA SER A 245 -15.44 9.34 -4.83
C SER A 245 -14.36 10.41 -4.88
N THR A 246 -13.80 10.65 -6.06
CA THR A 246 -12.75 11.61 -6.20
C THR A 246 -12.96 12.59 -7.35
N LEU A 247 -12.30 13.76 -7.21
CA LEU A 247 -12.39 14.86 -8.14
C LEU A 247 -11.05 15.55 -8.25
N LEU A 248 -10.51 15.48 -9.45
CA LEU A 248 -9.28 16.16 -9.79
C LEU A 248 -9.65 17.63 -10.01
N VAL A 249 -9.04 18.51 -9.22
CA VAL A 249 -9.33 19.95 -9.28
C VAL A 249 -8.05 20.76 -9.33
N SER A 250 -8.18 22.04 -9.64
CA SER A 250 -7.05 22.94 -9.53
C SER A 250 -7.24 24.01 -8.44
N PRO A 251 -6.30 24.06 -7.46
CA PRO A 251 -6.20 25.14 -6.46
C PRO A 251 -6.09 26.55 -7.09
N HIS A 255 -12.52 28.04 -6.84
CA HIS A 255 -13.88 27.55 -6.57
C HIS A 255 -14.03 26.88 -5.18
N GLY A 256 -15.25 26.91 -4.67
CA GLY A 256 -15.61 26.06 -3.54
C GLY A 256 -16.10 24.67 -3.97
N TYR A 257 -15.68 23.66 -3.22
CA TYR A 257 -16.04 22.28 -3.47
C TYR A 257 -16.63 21.67 -2.19
N ALA A 258 -17.67 20.87 -2.36
CA ALA A 258 -18.23 20.06 -1.28
C ALA A 258 -18.69 18.74 -1.87
N CYS A 259 -18.61 17.69 -1.06
CA CYS A 259 -19.21 16.40 -1.37
C CYS A 259 -20.64 16.34 -0.85
N ARG A 260 -21.57 15.90 -1.69
CA ARG A 260 -22.98 15.77 -1.29
C ARG A 260 -23.35 14.28 -1.22
N VAL A 261 -23.85 13.85 -0.07
CA VAL A 261 -24.24 12.45 0.13
C VAL A 261 -25.77 12.36 0.37
N GLN A 262 -26.49 11.69 -0.55
CA GLN A 262 -27.94 11.45 -0.44
C GLN A 262 -28.20 9.95 -0.14
N HIS A 263 -28.98 9.71 0.92
CA HIS A 263 -29.19 8.36 1.42
C HIS A 263 -30.54 8.31 2.10
N CYS A 264 -31.24 7.20 1.94
CA CYS A 264 -32.59 7.14 2.46
C CYS A 264 -32.62 7.28 4.01
N SER A 265 -31.54 6.92 4.74
CA SER A 265 -31.51 7.07 6.23
C SER A 265 -31.68 8.52 6.65
N LEU A 266 -31.46 9.39 5.66
CA LEU A 266 -31.47 10.84 5.81
C LEU A 266 -32.78 11.53 5.35
N GLY A 267 -33.80 10.75 4.95
CA GLY A 267 -34.97 11.32 4.25
C GLY A 267 -34.61 11.88 2.85
N ARG A 269 -33.08 15.10 2.52
CA ARG A 269 -32.11 15.92 3.24
C ARG A 269 -30.77 15.22 3.03
N SER A 270 -29.74 15.95 2.65
CA SER A 270 -28.48 15.29 2.38
C SER A 270 -27.32 15.76 3.25
N LEU A 271 -26.31 14.90 3.34
CA LEU A 271 -25.04 15.21 3.97
C LEU A 271 -24.24 16.14 3.06
N LEU A 272 -23.80 17.28 3.61
CA LEU A 272 -22.99 18.20 2.84
C LEU A 272 -21.63 18.43 3.53
N VAL A 273 -20.55 17.94 2.91
CA VAL A 273 -19.20 18.05 3.46
C VAL A 273 -18.23 18.91 2.60
N PRO A 274 -17.99 20.18 3.03
CA PRO A 274 -17.15 21.11 2.31
C PRO A 274 -15.69 20.68 2.28
N TRP A 275 -15.01 20.97 1.18
CA TRP A 275 -13.57 20.82 1.14
C TRP A 275 -12.94 22.06 1.73
N HIS A 276 -12.08 21.83 2.73
CA HIS A 276 -11.37 22.90 3.44
C HIS A 276 -9.91 22.92 3.03
N SER B 5 35.39 2.90 -8.23
CA SER B 5 34.40 4.04 -8.40
C SER B 5 34.35 5.09 -7.23
N HIS B 6 34.46 6.37 -7.59
CA HIS B 6 34.42 7.48 -6.64
C HIS B 6 33.64 8.68 -7.18
N MET B 7 33.00 9.40 -6.28
CA MET B 7 32.06 10.45 -6.64
C MET B 7 32.28 11.65 -5.72
N LEU B 8 32.16 12.82 -6.29
CA LEU B 8 32.18 14.05 -5.54
C LEU B 8 30.85 14.68 -5.85
N LYS B 9 30.08 15.01 -4.79
CA LYS B 9 28.76 15.55 -4.99
C LYS B 9 28.45 16.75 -4.08
N LEU B 10 28.03 17.84 -4.71
CA LEU B 10 27.58 18.99 -3.97
C LEU B 10 26.07 19.09 -4.07
N LEU B 11 25.44 19.22 -2.92
CA LEU B 11 23.98 19.28 -2.81
C LEU B 11 23.60 20.64 -2.28
N HIS B 12 22.55 21.20 -2.85
CA HIS B 12 22.04 22.46 -2.36
C HIS B 12 20.52 22.41 -2.35
N PHE B 13 19.90 23.08 -1.37
CA PHE B 13 18.44 23.21 -1.43
C PHE B 13 18.03 24.55 -0.91
N ALA B 14 16.80 24.96 -1.29
CA ALA B 14 16.31 26.30 -0.95
C ALA B 14 14.80 26.29 -0.87
N THR B 15 14.27 26.68 0.29
CA THR B 15 12.86 26.94 0.44
C THR B 15 12.60 28.42 0.30
N PHE B 16 11.88 28.78 -0.75
CA PHE B 16 11.42 30.15 -0.93
C PHE B 16 10.16 30.41 -0.13
N GLN B 17 10.29 31.11 0.98
CA GLN B 17 9.11 31.37 1.80
C GLN B 17 8.28 32.61 1.38
N ASN B 18 8.91 33.76 1.23
CA ASN B 18 8.26 34.98 0.67
C ASN B 18 9.23 35.73 -0.23
N SER B 19 8.97 37.01 -0.47
CA SER B 19 9.76 37.82 -1.39
C SER B 19 11.19 37.98 -0.95
N THR B 20 11.39 37.98 0.37
CA THR B 20 12.68 38.35 0.93
C THR B 20 13.22 37.30 1.89
N SER B 21 12.82 36.05 1.69
CA SER B 21 13.12 35.03 2.70
C SER B 21 13.24 33.70 2.05
N VAL B 22 14.46 33.18 2.11
CA VAL B 22 14.75 31.86 1.55
C VAL B 22 15.67 31.09 2.51
N LEU B 23 15.28 29.88 2.87
CA LEU B 23 16.12 29.10 3.73
C LEU B 23 16.92 28.13 2.85
N VAL B 24 18.24 28.32 2.82
CA VAL B 24 19.09 27.46 1.99
C VAL B 24 19.92 26.49 2.81
N GLY B 25 20.32 25.41 2.18
CA GLY B 25 21.22 24.50 2.88
C GLY B 25 22.03 23.88 1.79
N GLY B 26 23.16 23.31 2.16
CA GLY B 26 24.05 22.67 1.21
C GLY B 26 25.01 21.71 1.88
N LEU B 27 25.45 20.70 1.15
CA LEU B 27 26.28 19.61 1.70
C LEU B 27 27.24 19.19 0.61
N GLY B 28 28.45 18.79 1.00
CA GLY B 28 29.50 18.33 0.04
C GLY B 28 29.78 16.89 0.42
N LEU B 29 29.81 15.97 -0.53
CA LEU B 29 30.01 14.57 -0.20
C LEU B 29 31.08 13.94 -1.06
N LEU B 30 31.84 13.05 -0.43
CA LEU B 30 32.86 12.26 -1.08
C LEU B 30 32.41 10.83 -0.85
N GLY B 31 31.70 10.27 -1.81
CA GLY B 31 30.91 9.06 -1.59
C GLY B 31 29.89 9.36 -0.50
N ASP B 32 29.96 8.62 0.61
CA ASP B 32 29.05 8.90 1.70
C ASP B 32 29.76 9.64 2.81
N VAL B 33 30.95 10.17 2.54
CA VAL B 33 31.71 10.90 3.56
C VAL B 33 31.38 12.38 3.49
N LYS B 34 30.79 12.92 4.54
CA LYS B 34 30.44 14.36 4.54
C LYS B 34 31.69 15.25 4.70
N MET B 35 32.03 16.00 3.64
CA MET B 35 33.20 16.87 3.66
C MET B 35 32.90 18.15 4.44
N GLY B 36 31.68 18.63 4.32
CA GLY B 36 31.32 19.90 4.91
C GLY B 36 29.96 20.35 4.47
N SER B 37 29.63 21.56 4.82
CA SER B 37 28.29 22.04 4.62
C SER B 37 28.26 23.54 4.73
N LEU B 38 27.08 24.06 4.45
CA LEU B 38 26.80 25.47 4.41
C LEU B 38 26.05 25.83 5.68
N ASP B 39 26.61 26.76 6.44
CA ASP B 39 25.98 27.19 7.70
C ASP B 39 24.70 27.89 7.28
N SER B 40 23.55 27.28 7.62
CA SER B 40 22.25 27.76 7.14
C SER B 40 21.94 29.18 7.62
N ARG B 41 22.63 29.62 8.68
CA ARG B 41 22.45 30.95 9.25
C ARG B 41 23.36 31.99 8.58
N THR B 42 24.67 31.75 8.54
CA THR B 42 25.65 32.73 8.04
C THR B 42 26.20 32.43 6.64
N GLY B 43 26.03 31.20 6.17
CA GLY B 43 26.46 30.86 4.80
C GLY B 43 27.95 30.63 4.54
N ASN B 44 28.78 30.61 5.59
CA ASN B 44 30.18 30.21 5.40
C ASN B 44 30.25 28.68 5.40
N ILE B 45 31.23 28.14 4.69
CA ILE B 45 31.45 26.72 4.65
C ILE B 45 32.09 26.22 5.97
N ARG B 46 31.60 25.06 6.42
CA ARG B 46 32.13 24.30 7.52
C ARG B 46 32.83 23.09 6.95
N TYR B 47 34.01 22.78 7.50
CA TYR B 47 34.85 21.69 6.96
C TYR B 47 34.84 20.59 7.98
N TYR B 48 34.37 19.40 7.60
CA TYR B 48 34.25 18.30 8.57
C TYR B 48 35.46 17.35 8.68
N ARG B 49 36.28 17.25 7.63
CA ARG B 49 37.37 16.26 7.55
C ARG B 49 38.72 17.00 7.61
N PRO B 50 39.63 16.55 8.47
CA PRO B 50 40.89 17.23 8.69
C PRO B 50 41.85 17.20 7.49
N TRP B 51 41.68 16.26 6.57
CA TRP B 51 42.50 16.25 5.35
C TRP B 51 42.06 17.27 4.27
N LEU B 52 40.91 17.91 4.42
CA LEU B 52 40.44 18.85 3.37
C LEU B 52 41.30 20.09 3.21
N ARG B 53 41.34 20.93 4.26
CA ARG B 53 42.06 22.22 4.14
C ARG B 53 43.48 22.06 3.64
N PRO B 54 44.27 21.10 4.16
CA PRO B 54 45.62 21.13 3.66
C PRO B 54 45.77 20.48 2.30
N SER B 55 44.69 19.95 1.73
CA SER B 55 44.82 19.32 0.44
C SER B 55 44.99 20.34 -0.69
N LEU B 56 44.53 21.57 -0.48
CA LEU B 56 44.62 22.65 -1.47
C LEU B 56 45.10 23.89 -0.76
N PRO B 57 45.79 24.80 -1.48
CA PRO B 57 46.18 26.01 -0.80
C PRO B 57 45.00 26.98 -0.59
N LYS B 58 45.22 27.86 0.37
CA LYS B 58 44.25 28.82 0.81
C LYS B 58 43.57 29.62 -0.31
N GLY B 59 44.33 30.09 -1.31
CA GLY B 59 43.78 30.85 -2.39
C GLY B 59 42.79 29.99 -3.19
N ASP B 60 43.04 28.69 -3.35
CA ASP B 60 42.06 27.84 -4.00
C ASP B 60 40.76 27.69 -3.16
N TRP B 61 40.90 27.46 -1.84
CA TRP B 61 39.75 27.45 -0.96
C TRP B 61 39.00 28.77 -1.09
N ASP B 62 39.73 29.89 -1.12
CA ASP B 62 38.99 31.14 -1.20
C ASP B 62 38.12 31.20 -2.48
N VAL B 63 38.64 30.74 -3.62
CA VAL B 63 37.82 30.77 -4.81
C VAL B 63 36.68 29.75 -4.81
N ILE B 64 36.88 28.60 -4.18
CA ILE B 64 35.83 27.61 -4.01
C ILE B 64 34.72 28.18 -3.15
N GLU B 65 35.04 28.79 -2.00
CA GLU B 65 34.02 29.43 -1.15
C GLU B 65 33.26 30.55 -1.85
N SER B 66 34.00 31.48 -2.45
CA SER B 66 33.39 32.55 -3.17
C SER B 66 32.49 32.04 -4.31
N SER B 67 32.92 31.01 -5.04
CA SER B 67 32.08 30.44 -6.11
C SER B 67 30.80 29.78 -5.52
N ILE B 68 30.96 29.04 -4.42
CA ILE B 68 29.80 28.45 -3.76
C ILE B 68 28.80 29.53 -3.34
N LYS B 69 29.28 30.51 -2.58
CA LYS B 69 28.42 31.57 -2.14
C LYS B 69 27.76 32.34 -3.29
N SER B 70 28.44 32.55 -4.43
CA SER B 70 27.77 33.25 -5.52
C SER B 70 26.71 32.38 -6.09
N TYR B 71 26.99 31.07 -6.21
CA TYR B 71 26.04 30.13 -6.80
C TYR B 71 24.75 30.24 -6.04
N VAL B 72 24.87 30.08 -4.73
CA VAL B 72 23.71 30.11 -3.84
C VAL B 72 22.89 31.43 -3.95
N ARG B 73 23.56 32.54 -3.77
CA ARG B 73 23.00 33.87 -3.93
C ARG B 73 22.36 34.16 -5.34
N ASP B 74 23.07 33.84 -6.42
CA ASP B 74 22.55 34.11 -7.71
C ASP B 74 21.38 33.15 -7.99
N PHE B 75 21.45 31.91 -7.49
CA PHE B 75 20.34 30.94 -7.64
C PHE B 75 19.10 31.58 -7.06
N SER B 76 19.19 32.07 -5.83
CA SER B 76 18.04 32.67 -5.18
C SER B 76 17.55 33.90 -5.90
N ARG B 77 18.50 34.74 -6.33
CA ARG B 77 18.15 35.92 -7.14
C ARG B 77 17.42 35.53 -8.44
N LEU B 78 17.93 34.55 -9.18
CA LEU B 78 17.27 34.19 -10.44
C LEU B 78 15.84 33.70 -10.25
N VAL B 79 15.63 32.87 -9.20
CA VAL B 79 14.31 32.37 -8.87
C VAL B 79 13.35 33.49 -8.49
N GLN B 80 13.75 34.40 -7.61
CA GLN B 80 12.86 35.47 -7.16
C GLN B 80 12.45 36.38 -8.33
N MET B 81 13.37 36.56 -9.30
CA MET B 81 13.13 37.39 -10.50
C MET B 81 12.10 36.79 -11.45
N TYR B 82 12.22 35.48 -11.70
CA TYR B 82 11.54 34.86 -12.83
C TYR B 82 10.39 33.91 -12.53
N THR B 83 9.94 33.82 -11.27
CA THR B 83 8.79 32.96 -10.94
C THR B 83 7.49 33.74 -10.68
N VAL B 85 4.00 32.78 -9.59
CA VAL B 85 4.20 31.43 -9.02
C VAL B 85 4.28 31.45 -7.47
N PRO B 86 3.21 31.00 -6.78
CA PRO B 86 2.99 31.25 -5.34
C PRO B 86 3.93 30.58 -4.34
N TYR B 87 4.19 31.26 -3.22
CA TYR B 87 4.98 30.75 -2.13
C TYR B 87 4.16 29.78 -1.27
N PRO B 88 4.81 28.82 -0.57
CA PRO B 88 6.25 28.50 -0.62
C PRO B 88 6.55 27.47 -1.71
N PHE B 89 7.82 27.35 -2.07
CA PHE B 89 8.26 26.30 -2.98
C PHE B 89 9.72 25.97 -2.76
N VAL B 90 10.15 24.80 -3.24
CA VAL B 90 11.52 24.37 -3.06
C VAL B 90 12.28 23.97 -4.35
N PHE B 91 13.51 24.47 -4.41
CA PHE B 91 14.47 24.11 -5.42
C PHE B 91 15.58 23.36 -4.77
N GLN B 92 16.12 22.40 -5.52
CA GLN B 92 17.35 21.70 -5.17
C GLN B 92 18.34 21.59 -6.35
N SER B 93 19.62 21.42 -6.02
CA SER B 93 20.64 21.14 -7.01
C SER B 93 21.49 20.01 -6.51
N SER B 94 22.03 19.27 -7.47
CA SER B 94 22.95 18.18 -7.26
C SER B 94 23.97 18.33 -8.37
N ILE B 95 25.22 18.59 -7.98
CA ILE B 95 26.23 18.91 -8.94
C ILE B 95 27.48 18.11 -8.59
N GLY B 96 28.09 17.51 -9.61
CA GLY B 96 29.28 16.71 -9.36
C GLY B 96 29.86 15.89 -10.50
N CYS B 97 30.76 14.97 -10.15
CA CYS B 97 31.41 14.12 -11.13
C CYS B 97 31.67 12.79 -10.46
N GLU B 98 31.82 11.74 -11.27
CA GLU B 98 32.09 10.41 -10.82
C GLU B 98 33.18 9.83 -11.68
N LEU B 99 34.13 9.12 -11.07
CA LEU B 99 35.24 8.55 -11.78
C LEU B 99 35.19 7.04 -11.58
N GLN B 100 34.94 6.28 -12.66
CA GLN B 100 35.05 4.81 -12.63
C GLN B 100 36.52 4.38 -12.57
N SER B 101 36.78 3.13 -12.18
CA SER B 101 38.16 2.61 -12.08
C SER B 101 38.89 2.64 -13.42
N ASN B 102 38.17 2.31 -14.50
CA ASN B 102 38.78 2.23 -15.86
C ASN B 102 39.13 3.61 -16.40
N GLY B 103 38.59 4.64 -15.75
CA GLY B 103 38.96 6.04 -16.02
C GLY B 103 37.84 6.84 -16.61
N THR B 104 36.71 6.18 -16.81
CA THR B 104 35.50 6.78 -17.36
C THR B 104 34.84 7.81 -16.39
N ILE B 105 34.66 9.03 -16.92
CA ILE B 105 34.12 10.16 -16.20
C ILE B 105 32.62 10.31 -16.45
N ARG B 106 31.82 10.40 -15.40
CA ARG B 106 30.43 10.87 -15.55
C ARG B 106 30.29 12.19 -14.75
N THR B 107 29.65 13.19 -15.34
CA THR B 107 29.44 14.47 -14.68
C THR B 107 27.94 14.64 -14.53
N PHE B 108 27.50 15.48 -13.59
CA PHE B 108 26.08 15.75 -13.47
C PHE B 108 25.83 17.13 -12.93
N PHE B 109 24.76 17.75 -13.43
CA PHE B 109 24.34 19.04 -12.88
C PHE B 109 22.81 19.08 -13.12
N ASP B 110 22.06 18.77 -12.04
CA ASP B 110 20.63 18.80 -12.10
C ASP B 110 20.00 19.77 -11.11
N ILE B 111 18.88 20.35 -11.50
CA ILE B 111 18.06 21.18 -10.66
C ILE B 111 16.68 20.53 -10.53
N ALA B 112 16.19 20.44 -9.28
CA ALA B 112 14.87 19.95 -9.04
C ALA B 112 13.99 21.13 -8.66
N TYR B 113 12.68 20.96 -8.91
CA TYR B 113 11.68 21.91 -8.47
C TYR B 113 10.52 21.07 -8.00
N GLU B 114 9.99 21.41 -6.84
CA GLU B 114 9.02 20.59 -6.12
CA GLU B 114 8.94 20.60 -6.21
C GLU B 114 9.35 19.11 -6.20
N GLY B 115 10.58 18.81 -5.82
CA GLY B 115 10.99 17.39 -5.65
C GLY B 115 11.14 16.59 -6.93
N GLN B 116 11.08 17.25 -8.09
CA GLN B 116 11.28 16.53 -9.38
C GLN B 116 12.29 17.23 -10.28
N ASN B 117 13.07 16.43 -11.00
CA ASN B 117 13.95 16.86 -12.08
C ASN B 117 13.32 18.03 -12.83
N PHE B 118 14.04 19.13 -12.92
CA PHE B 118 13.49 20.33 -13.57
C PHE B 118 14.39 20.87 -14.72
N LEU B 119 15.70 20.82 -14.50
CA LEU B 119 16.64 21.20 -15.53
C LEU B 119 17.83 20.28 -15.41
N ARG B 120 18.43 19.90 -16.52
CA ARG B 120 19.61 19.05 -16.52
C ARG B 120 20.62 19.58 -17.53
N PHE B 121 21.86 19.69 -17.08
CA PHE B 121 22.93 20.13 -17.96
C PHE B 121 23.39 19.03 -18.90
N ASN B 122 23.59 19.40 -20.16
CA ASN B 122 24.11 18.49 -21.15
C ASN B 122 25.53 18.97 -21.38
N LEU B 123 26.49 18.15 -20.96
CA LEU B 123 27.88 18.51 -20.95
C LEU B 123 28.41 18.70 -22.37
N ASP B 124 28.22 17.72 -23.23
CA ASP B 124 28.75 17.78 -24.58
C ASP B 124 28.24 18.98 -25.37
N ALA B 125 26.96 19.27 -25.27
CA ALA B 125 26.36 20.36 -26.05
C ALA B 125 26.55 21.67 -25.32
N GLY B 126 26.89 21.62 -24.03
CA GLY B 126 27.06 22.85 -23.29
C GLY B 126 25.73 23.55 -23.21
N THR B 127 24.65 22.79 -23.07
CA THR B 127 23.36 23.40 -22.92
C THR B 127 22.51 22.72 -21.82
N TRP B 128 21.30 23.25 -21.62
CA TRP B 128 20.31 22.73 -20.67
C TRP B 128 19.14 21.97 -21.30
N ASP B 129 18.80 20.82 -20.69
CA ASP B 129 17.57 20.06 -21.00
C ASP B 129 16.47 20.36 -19.99
N GLN B 130 15.32 20.73 -20.56
CA GLN B 130 14.09 20.92 -19.86
C GLN B 130 13.62 19.54 -19.34
N MET B 131 13.38 19.42 -18.03
CA MET B 131 12.97 18.13 -17.50
C MET B 131 11.49 18.03 -17.11
N GLN B 132 10.80 19.17 -17.10
CA GLN B 132 9.36 19.17 -16.75
C GLN B 132 8.59 19.77 -17.90
N HIS B 133 7.45 19.15 -18.19
CA HIS B 133 6.60 19.48 -19.31
C HIS B 133 5.59 20.56 -18.92
N ASN B 134 6.12 21.74 -18.57
CA ASN B 134 5.29 22.83 -18.08
C ASN B 134 5.96 24.15 -18.39
N GLN B 135 5.26 25.25 -18.19
CA GLN B 135 5.82 26.52 -18.69
C GLN B 135 7.00 27.02 -17.88
N LEU B 136 7.00 26.74 -16.59
CA LEU B 136 8.11 27.22 -15.77
C LEU B 136 9.45 26.61 -16.19
N SER B 137 9.46 25.28 -16.41
CA SER B 137 10.64 24.55 -16.84
C SER B 137 11.05 25.02 -18.25
N ALA B 138 10.08 25.19 -19.15
CA ALA B 138 10.39 25.77 -20.48
C ALA B 138 11.04 27.11 -20.29
N LYS B 139 10.48 27.95 -19.42
CA LYS B 139 11.05 29.31 -19.26
C LYS B 139 12.51 29.20 -18.81
N ALA B 140 12.75 28.40 -17.77
CA ALA B 140 14.10 28.23 -17.21
C ALA B 140 15.11 27.78 -18.24
N GLU B 141 14.69 26.83 -19.09
CA GLU B 141 15.55 26.24 -20.06
C GLU B 141 16.00 27.34 -21.02
N HIS B 142 15.05 28.14 -21.48
CA HIS B 142 15.44 29.22 -22.45
C HIS B 142 16.28 30.30 -21.80
N LEU B 143 15.98 30.59 -20.54
CA LEU B 143 16.77 31.55 -19.78
C LEU B 143 18.22 31.05 -19.74
N MET B 144 18.42 29.87 -19.15
CA MET B 144 19.73 29.23 -19.03
C MET B 144 20.41 28.91 -20.36
N ALA B 145 19.64 28.64 -21.41
CA ALA B 145 20.21 28.48 -22.76
C ALA B 145 20.85 29.76 -23.28
N ASN B 146 20.30 30.90 -22.83
CA ASN B 146 20.86 32.20 -23.21
C ASN B 146 22.22 32.50 -22.55
N ALA B 147 22.60 31.75 -21.52
CA ALA B 147 23.85 32.08 -20.83
C ALA B 147 25.06 31.30 -21.39
N SER B 148 25.43 31.66 -22.62
CA SER B 148 26.50 31.01 -23.39
C SER B 148 27.79 30.90 -22.61
N THR B 149 28.22 32.04 -22.09
CA THR B 149 29.50 32.17 -21.43
C THR B 149 29.51 31.32 -20.19
N LEU B 150 28.46 31.47 -19.36
CA LEU B 150 28.30 30.64 -18.14
C LEU B 150 28.36 29.14 -18.49
N ASN B 151 27.61 28.71 -19.49
CA ASN B 151 27.60 27.30 -19.90
C ASN B 151 28.95 26.73 -20.36
N GLU B 152 29.75 27.50 -21.10
CA GLU B 152 31.12 27.11 -21.43
C GLU B 152 31.96 26.93 -20.16
N VAL B 153 31.81 27.81 -19.20
CA VAL B 153 32.48 27.68 -17.91
C VAL B 153 32.02 26.46 -17.10
N ILE B 154 30.71 26.26 -17.03
CA ILE B 154 30.16 25.05 -16.38
C ILE B 154 30.80 23.75 -16.98
N GLN B 155 31.01 23.73 -18.30
CA GLN B 155 31.56 22.55 -18.95
C GLN B 155 32.94 22.21 -18.40
N VAL B 156 33.76 23.24 -18.23
CA VAL B 156 35.09 23.06 -17.66
C VAL B 156 35.04 22.67 -16.19
N LEU B 157 34.13 23.30 -15.48
CA LEU B 157 34.01 23.08 -14.06
C LEU B 157 33.65 21.65 -13.81
N LEU B 158 32.70 21.12 -14.58
CA LEU B 158 32.30 19.73 -14.45
C LEU B 158 33.37 18.77 -15.00
N ASN B 159 33.87 18.98 -16.22
CA ASN B 159 34.73 17.97 -16.87
C ASN B 159 36.19 17.99 -16.41
N ASP B 160 36.65 19.15 -15.96
CA ASP B 160 38.06 19.34 -15.65
C ASP B 160 38.29 19.60 -14.17
N THR B 161 37.69 20.67 -13.66
CA THR B 161 38.00 21.01 -12.29
C THR B 161 37.37 20.08 -11.21
N CYS B 162 36.14 19.65 -11.40
CA CYS B 162 35.58 18.63 -10.52
C CYS B 162 36.40 17.35 -10.49
N VAL B 163 36.71 16.82 -11.65
CA VAL B 163 37.43 15.57 -11.77
C VAL B 163 38.82 15.70 -11.13
N ASP B 164 39.50 16.80 -11.45
CA ASP B 164 40.82 17.05 -10.90
C ASP B 164 40.77 17.06 -9.38
N ILE B 165 39.77 17.70 -8.83
CA ILE B 165 39.67 17.79 -7.36
C ILE B 165 39.29 16.44 -6.79
N LEU B 166 38.43 15.74 -7.56
CA LEU B 166 38.05 14.40 -7.17
C LEU B 166 39.30 13.51 -7.08
N ARG B 167 40.17 13.51 -8.11
CA ARG B 167 41.38 12.66 -8.05
C ARG B 167 42.27 13.01 -6.85
N LEU B 168 42.40 14.28 -6.55
CA LEU B 168 43.16 14.71 -5.42
C LEU B 168 42.51 14.32 -4.07
N PHE B 169 41.17 14.47 -3.96
CA PHE B 169 40.46 14.08 -2.73
C PHE B 169 40.51 12.54 -2.44
N ILE B 170 40.49 11.71 -3.49
CA ILE B 170 40.67 10.26 -3.33
C ILE B 170 42.02 9.94 -2.64
N GLN B 171 43.05 10.65 -3.04
CA GLN B 171 44.38 10.54 -2.42
C GLN B 171 44.43 11.14 -1.03
N ALA B 172 43.93 12.37 -0.86
CA ALA B 172 44.03 13.04 0.44
C ALA B 172 43.12 12.44 1.51
N GLY B 173 41.96 11.95 1.09
CA GLY B 173 40.99 11.38 1.99
C GLY B 173 41.03 9.86 2.00
N LYS B 174 42.10 9.27 1.48
CA LYS B 174 42.21 7.82 1.34
C LYS B 174 41.91 7.09 2.64
N ALA B 175 42.32 7.63 3.79
CA ALA B 175 41.98 7.02 5.09
C ALA B 175 40.48 6.89 5.32
N ASP B 176 39.70 7.87 4.87
CA ASP B 176 38.26 7.79 5.01
C ASP B 176 37.71 6.72 4.04
N LEU B 177 38.27 6.77 2.83
CA LEU B 177 37.80 5.96 1.74
C LEU B 177 38.02 4.47 1.99
N GLU B 178 39.13 4.13 2.66
CA GLU B 178 39.51 2.74 2.87
C GLU B 178 39.07 2.18 4.20
N ARG B 179 38.44 3.04 5.01
CA ARG B 179 37.95 2.59 6.29
C ARG B 179 37.01 1.38 6.10
N GLN B 180 37.26 0.31 6.83
CA GLN B 180 36.25 -0.75 6.98
C GLN B 180 35.93 -1.01 8.43
N VAL B 181 34.69 -1.39 8.64
CA VAL B 181 34.23 -1.82 9.97
C VAL B 181 33.36 -3.07 9.75
N PRO B 182 33.72 -4.19 10.43
CA PRO B 182 32.96 -5.42 10.15
C PRO B 182 31.55 -5.39 10.70
N PRO B 183 30.63 -6.07 10.01
CA PRO B 183 29.24 -6.29 10.52
C PRO B 183 29.18 -7.15 11.79
N MET B 184 28.26 -6.81 12.68
CA MET B 184 27.86 -7.74 13.74
C MET B 184 26.39 -8.12 13.50
N ALA B 185 26.09 -9.39 13.69
CA ALA B 185 24.75 -9.88 13.39
C ALA B 185 24.14 -10.71 14.52
N VAL B 186 22.83 -10.53 14.76
CA VAL B 186 22.04 -11.44 15.60
C VAL B 186 20.77 -11.93 14.85
N VAL B 187 20.35 -13.18 15.15
CA VAL B 187 19.10 -13.74 14.64
C VAL B 187 18.16 -14.07 15.81
N PHE B 188 16.88 -13.70 15.71
CA PHE B 188 15.88 -13.98 16.75
C PHE B 188 14.54 -14.12 16.05
N ALA B 189 13.52 -14.62 16.74
CA ALA B 189 12.21 -14.77 16.12
C ALA B 189 11.18 -13.87 16.78
N ARG B 190 10.22 -13.42 15.97
CA ARG B 190 9.05 -12.71 16.46
C ARG B 190 7.80 -13.53 16.19
N THR B 191 6.91 -13.53 17.20
CA THR B 191 5.66 -14.28 17.14
C THR B 191 4.90 -13.90 15.87
N ALA B 192 4.09 -14.81 15.34
CA ALA B 192 3.40 -14.58 14.08
C ALA B 192 2.14 -15.44 13.93
N GLN B 196 2.70 -19.65 12.23
CA GLN B 196 3.87 -19.02 11.60
C GLN B 196 4.83 -18.26 12.56
N LEU B 197 6.04 -18.00 12.07
CA LEU B 197 7.09 -17.28 12.82
C LEU B 197 7.87 -16.34 11.90
N LEU B 198 8.26 -15.18 12.41
CA LEU B 198 9.08 -14.29 11.62
C LEU B 198 10.53 -14.25 12.12
N LEU B 199 11.42 -14.80 11.32
CA LEU B 199 12.83 -14.77 11.61
C LEU B 199 13.46 -13.43 11.17
N VAL B 200 14.31 -12.86 12.03
CA VAL B 200 14.90 -11.53 11.84
C VAL B 200 16.42 -11.62 11.92
N CYS B 201 17.09 -11.20 10.85
CA CYS B 201 18.53 -11.03 10.92
C CYS B 201 18.79 -9.53 11.01
N ARG B 202 19.41 -9.08 12.11
CA ARG B 202 19.74 -7.68 12.36
C ARG B 202 21.25 -7.54 12.37
N VAL B 203 21.74 -6.76 11.39
CA VAL B 203 23.17 -6.57 11.19
C VAL B 203 23.41 -5.10 11.45
N THR B 204 24.40 -4.82 12.29
CA THR B 204 24.80 -3.42 12.47
C THR B 204 26.33 -3.25 12.43
N SER B 205 26.79 -2.00 12.55
CA SER B 205 28.21 -1.67 12.61
C SER B 205 28.97 -1.78 11.31
N PHE B 206 28.35 -1.98 10.17
CA PHE B 206 29.20 -2.18 9.00
C PHE B 206 29.56 -0.92 8.21
N TYR B 207 30.74 -0.95 7.62
CA TYR B 207 31.17 0.08 6.69
C TYR B 207 32.21 -0.57 5.84
N PRO B 208 32.15 -0.35 4.51
CA PRO B 208 31.23 0.50 3.74
C PRO B 208 29.82 -0.08 3.55
N ARG B 209 28.95 0.71 2.95
CA ARG B 209 27.50 0.40 2.88
C ARG B 209 27.12 -0.90 2.13
N PRO B 210 27.81 -1.26 1.02
CA PRO B 210 27.31 -2.45 0.23
C PRO B 210 27.45 -3.69 1.09
N ILE B 211 26.43 -4.54 1.07
CA ILE B 211 26.43 -5.77 1.88
C ILE B 211 25.45 -6.72 1.23
N ALA B 212 25.62 -8.02 1.48
CA ALA B 212 24.68 -9.04 1.01
C ALA B 212 24.29 -9.91 2.19
N VAL B 213 23.01 -9.85 2.53
CA VAL B 213 22.46 -10.61 3.66
C VAL B 213 21.43 -11.57 3.04
N THR B 214 21.68 -12.88 3.15
CA THR B 214 20.81 -13.91 2.59
C THR B 214 20.42 -14.90 3.71
N TRP B 215 19.40 -15.69 3.46
CA TRP B 215 18.95 -16.73 4.39
C TRP B 215 19.26 -18.10 3.84
N LEU B 216 19.65 -19.02 4.73
CA LEU B 216 19.85 -20.43 4.40
C LEU B 216 18.86 -21.32 5.12
N ARG B 217 18.26 -22.23 4.36
CA ARG B 217 17.35 -23.24 4.92
C ARG B 217 18.01 -24.59 4.67
N ASP B 218 18.17 -25.36 5.74
CA ASP B 218 18.92 -26.63 5.63
C ASP B 218 20.24 -26.47 4.88
N GLY B 219 20.90 -25.35 5.11
CA GLY B 219 22.19 -25.05 4.49
C GLY B 219 22.17 -24.51 3.06
N ARG B 220 20.98 -24.25 2.51
CA ARG B 220 20.87 -23.81 1.12
C ARG B 220 20.13 -22.47 1.02
N GLU B 221 20.56 -21.65 0.05
CA GLU B 221 20.02 -20.30 -0.13
C GLU B 221 18.52 -20.31 -0.46
N VAL B 222 17.78 -19.52 0.32
CA VAL B 222 16.36 -19.28 0.14
C VAL B 222 16.15 -18.31 -0.98
N PRO B 223 15.42 -18.76 -2.03
CA PRO B 223 15.07 -17.92 -3.18
C PRO B 223 14.23 -16.70 -2.76
N PRO B 224 14.24 -15.63 -3.57
CA PRO B 224 13.33 -14.56 -3.15
C PRO B 224 11.83 -14.99 -3.25
N SER B 225 11.01 -14.38 -2.41
CA SER B 225 9.56 -14.45 -2.52
C SER B 225 9.03 -13.43 -1.53
N PRO B 226 7.72 -13.22 -1.51
CA PRO B 226 7.12 -12.35 -0.47
C PRO B 226 7.34 -12.84 0.99
N ALA B 227 7.63 -14.11 1.22
CA ALA B 227 8.04 -14.52 2.57
C ALA B 227 9.37 -13.87 3.04
N LEU B 228 10.24 -13.51 2.09
CA LEU B 228 11.60 -12.98 2.42
C LEU B 228 11.69 -11.49 2.14
N SER B 229 11.73 -10.71 3.20
CA SER B 229 11.89 -9.27 3.04
C SER B 229 13.33 -8.88 3.33
N THR B 230 13.96 -8.21 2.41
CA THR B 230 15.15 -7.58 2.86
C THR B 230 14.88 -6.10 3.10
N GLY B 231 15.43 -5.60 4.19
CA GLY B 231 15.08 -4.25 4.65
C GLY B 231 15.79 -3.21 3.87
N THR B 232 15.66 -1.95 4.29
CA THR B 232 16.46 -0.93 3.71
C THR B 232 17.61 -0.63 4.69
N VAL B 233 18.78 -0.29 4.17
CA VAL B 233 19.95 0.07 4.97
C VAL B 233 19.70 1.37 5.73
N LEU B 234 20.07 1.39 7.01
CA LEU B 234 19.77 2.53 7.86
C LEU B 234 21.09 3.16 8.35
N PRO B 235 21.15 4.50 8.49
CA PRO B 235 22.43 4.99 8.94
C PRO B 235 22.62 4.98 10.45
N ASN B 236 23.82 4.68 10.89
CA ASN B 236 24.20 5.02 12.26
C ASN B 236 24.94 6.33 12.28
N ALA B 237 24.98 6.94 13.46
CA ALA B 237 25.69 8.22 13.62
C ALA B 237 27.22 8.18 13.50
N ASP B 238 27.85 7.03 13.74
CA ASP B 238 29.32 6.88 13.57
C ASP B 238 29.73 6.51 12.13
N LEU B 239 28.87 6.81 11.16
CA LEU B 239 29.13 6.42 9.76
C LEU B 239 29.36 4.89 9.64
N THR B 240 28.42 4.12 10.19
CA THR B 240 28.34 2.72 9.93
C THR B 240 26.91 2.53 9.57
N TYR B 241 26.51 1.31 9.20
CA TYR B 241 25.16 1.07 8.74
C TYR B 241 24.50 -0.11 9.45
N GLN B 242 23.16 -0.19 9.34
CA GLN B 242 22.41 -1.30 9.88
C GLN B 242 21.43 -1.74 8.86
N LEU B 243 21.07 -3.01 8.99
CA LEU B 243 20.09 -3.65 8.08
C LEU B 243 19.24 -4.65 8.89
N ARG B 244 17.97 -4.85 8.53
CA ARG B 244 17.19 -5.98 9.00
C ARG B 244 16.63 -6.76 7.81
N SER B 245 16.75 -8.07 7.87
CA SER B 245 16.23 -8.95 6.83
C SER B 245 15.37 -9.90 7.59
N THR B 246 14.19 -10.22 7.04
CA THR B 246 13.30 -11.13 7.71
C THR B 246 12.83 -12.24 6.79
N LEU B 247 12.50 -13.38 7.42
CA LEU B 247 11.96 -14.55 6.77
C LEU B 247 10.80 -15.16 7.59
N LEU B 248 9.65 -15.15 6.94
CA LEU B 248 8.43 -15.71 7.51
C LEU B 248 8.46 -17.20 7.27
N VAL B 249 8.47 -17.97 8.36
CA VAL B 249 8.66 -19.42 8.33
C VAL B 249 7.47 -20.12 8.98
N SER B 250 7.21 -21.35 8.57
CA SER B 250 6.26 -22.22 9.30
C SER B 250 7.10 -23.20 10.09
N PRO B 251 7.14 -23.06 11.43
CA PRO B 251 8.04 -23.90 12.23
C PRO B 251 7.69 -25.39 12.03
N GLN B 252 6.39 -25.70 11.86
CA GLN B 252 5.86 -27.04 11.49
C GLN B 252 6.33 -27.69 10.14
N ASP B 253 7.02 -26.95 9.28
CA ASP B 253 7.80 -27.55 8.16
C ASP B 253 9.21 -28.02 8.63
N GLY B 254 9.70 -27.41 9.72
CA GLY B 254 10.78 -27.97 10.54
C GLY B 254 12.25 -27.67 10.30
N HIS B 255 12.60 -26.76 9.41
CA HIS B 255 14.00 -26.72 8.90
C HIS B 255 15.08 -26.06 9.79
N GLY B 256 16.34 -26.27 9.44
CA GLY B 256 17.43 -25.43 9.98
C GLY B 256 17.49 -24.09 9.26
N TYR B 257 17.70 -22.99 10.01
CA TYR B 257 17.80 -21.65 9.43
C TYR B 257 19.03 -20.88 9.92
N ALA B 258 19.68 -20.18 8.98
CA ALA B 258 20.87 -19.37 9.24
C ALA B 258 20.82 -18.12 8.36
N CYS B 259 21.32 -17.03 8.92
CA CYS B 259 21.51 -15.80 8.19
C CYS B 259 22.96 -15.69 7.76
N ARG B 260 23.19 -15.40 6.50
CA ARG B 260 24.57 -15.29 6.03
C ARG B 260 24.81 -13.86 5.63
N VAL B 261 25.92 -13.30 6.10
CA VAL B 261 26.27 -11.90 5.82
C VAL B 261 27.61 -11.83 5.08
N GLN B 262 27.59 -11.38 3.82
CA GLN B 262 28.83 -11.15 3.07
C GLN B 262 29.14 -9.67 3.00
N HIS B 263 30.38 -9.33 3.33
CA HIS B 263 30.81 -7.94 3.45
C HIS B 263 32.29 -7.88 3.16
N CYS B 264 32.70 -6.89 2.36
CA CYS B 264 34.08 -6.79 1.98
C CYS B 264 35.05 -6.71 3.18
N SER B 265 34.60 -6.26 4.36
CA SER B 265 35.50 -6.17 5.55
C SER B 265 35.93 -7.54 6.00
N LEU B 266 35.19 -8.53 5.52
CA LEU B 266 35.39 -9.93 5.90
C LEU B 266 36.32 -10.73 4.97
N GLY B 267 36.74 -10.13 3.86
CA GLY B 267 37.55 -10.83 2.85
C GLY B 267 36.86 -12.07 2.28
N ARG B 269 35.31 -15.31 3.28
CA ARG B 269 34.74 -15.57 4.59
C ARG B 269 33.45 -14.79 4.76
N SER B 270 32.38 -15.46 5.20
CA SER B 270 31.19 -14.71 5.60
C SER B 270 30.70 -14.99 7.02
N LEU B 271 29.91 -14.06 7.56
CA LEU B 271 29.30 -14.24 8.84
C LEU B 271 28.18 -15.23 8.67
N LEU B 272 28.14 -16.23 9.54
CA LEU B 272 27.04 -17.19 9.49
C LEU B 272 26.40 -17.37 10.88
N VAL B 273 25.13 -16.96 10.99
CA VAL B 273 24.43 -16.90 12.26
C VAL B 273 23.15 -17.78 12.30
N PRO B 274 23.24 -18.89 13.03
CA PRO B 274 22.16 -19.85 13.09
C PRO B 274 20.98 -19.30 13.87
N TRP B 275 19.77 -19.64 13.45
CA TRP B 275 18.61 -19.42 14.29
C TRP B 275 18.47 -20.50 15.37
N HIS B 276 18.39 -20.07 16.64
CA HIS B 276 18.28 -20.99 17.78
C HIS B 276 16.92 -20.84 18.48
N ASP C 1 -9.92 -18.03 -16.72
CA ASP C 1 -9.87 -17.59 -15.28
C ASP C 1 -9.88 -16.06 -15.13
N LEU C 2 -10.02 -15.57 -13.90
CA LEU C 2 -10.07 -14.13 -13.64
C LEU C 2 -9.31 -13.80 -12.36
N THR C 3 -8.37 -12.88 -12.49
CA THR C 3 -7.52 -12.46 -11.36
C THR C 3 -8.32 -11.62 -10.34
N PRO C 4 -8.09 -11.81 -9.04
CA PRO C 4 -8.82 -10.98 -8.04
C PRO C 4 -8.50 -9.48 -8.05
N LYS C 5 -9.49 -8.67 -7.71
CA LYS C 5 -9.34 -7.25 -7.62
C LYS C 5 -9.47 -7.03 -6.10
N VAL C 6 -8.48 -6.37 -5.51
CA VAL C 6 -8.33 -6.34 -4.05
C VAL C 6 -8.29 -4.90 -3.58
N GLN C 7 -9.05 -4.66 -2.50
CA GLN C 7 -9.06 -3.37 -1.87
C GLN C 7 -8.82 -3.63 -0.40
N VAL C 8 -8.00 -2.78 0.17
CA VAL C 8 -7.71 -2.82 1.58
C VAL C 8 -8.09 -1.44 2.10
N TYR C 9 -8.86 -1.44 3.16
CA TYR C 9 -9.42 -0.19 3.68
C TYR C 9 -9.93 -0.44 5.10
N SER C 10 -10.06 0.62 5.90
CA SER C 10 -10.51 0.46 7.26
C SER C 10 -12.00 0.83 7.36
N ARG C 11 -12.62 0.38 8.44
CA ARG C 11 -14.05 0.57 8.69
C ARG C 11 -14.31 2.04 8.87
N PHE C 12 -13.44 2.71 9.64
CA PHE C 12 -13.52 4.11 9.89
C PHE C 12 -12.23 4.79 9.47
N PRO C 13 -12.31 6.09 9.07
CA PRO C 13 -11.11 6.94 8.99
C PRO C 13 -10.19 6.68 10.21
N ALA C 14 -9.00 6.20 9.91
CA ALA C 14 -8.00 5.78 10.91
C ALA C 14 -7.32 6.93 11.67
N SER C 15 -6.91 6.60 12.87
CA SER C 15 -6.28 7.55 13.75
C SER C 15 -5.41 6.72 14.70
N ALA C 16 -4.15 7.11 14.85
CA ALA C 16 -3.22 6.37 15.73
C ALA C 16 -3.81 6.13 17.14
N GLY C 17 -3.67 4.89 17.64
CA GLY C 17 -4.22 4.54 18.97
C GLY C 17 -5.73 4.46 19.11
N THR C 18 -6.48 4.57 18.01
CA THR C 18 -7.97 4.48 18.08
C THR C 18 -8.41 3.17 17.45
N LYS C 19 -9.29 2.43 18.14
CA LYS C 19 -9.72 1.09 17.69
C LYS C 19 -10.49 1.16 16.40
N ASN C 20 -10.27 0.17 15.54
CA ASN C 20 -10.79 0.21 14.20
C ASN C 20 -10.93 -1.25 13.65
N VAL C 21 -11.24 -1.41 12.37
CA VAL C 21 -11.29 -2.72 11.76
C VAL C 21 -10.60 -2.61 10.41
N LEU C 22 -9.69 -3.52 10.11
CA LEU C 22 -9.04 -3.53 8.83
C LEU C 22 -9.74 -4.58 7.94
N ASN C 23 -10.02 -4.19 6.71
CA ASN C 23 -10.81 -4.95 5.78
C ASN C 23 -9.96 -5.26 4.57
N CYS C 24 -10.00 -6.51 4.09
CA CYS C 24 -9.45 -6.83 2.80
C CYS C 24 -10.57 -7.54 2.02
N PHE C 25 -10.93 -6.94 0.90
CA PHE C 25 -11.99 -7.43 0.04
C PHE C 25 -11.41 -7.83 -1.32
N ALA C 26 -11.49 -9.13 -1.64
CA ALA C 26 -11.07 -9.64 -2.95
C ALA C 26 -12.33 -9.94 -3.78
N ALA C 27 -12.35 -9.58 -5.06
CA ALA C 27 -13.57 -9.70 -5.85
C ALA C 27 -13.26 -9.89 -7.33
N GLY C 28 -14.28 -10.27 -8.10
CA GLY C 28 -14.15 -10.33 -9.55
C GLY C 28 -13.31 -11.52 -9.97
N PHE C 29 -13.09 -12.51 -9.08
CA PHE C 29 -12.20 -13.65 -9.42
C PHE C 29 -12.90 -15.01 -9.77
N HIS C 30 -12.12 -15.89 -10.42
CA HIS C 30 -12.59 -17.20 -10.84
C HIS C 30 -11.36 -18.04 -11.19
N PRO C 31 -11.21 -19.28 -10.63
CA PRO C 31 -12.07 -20.09 -9.70
C PRO C 31 -12.10 -19.53 -8.26
N PRO C 32 -12.98 -20.05 -7.41
CA PRO C 32 -13.20 -19.54 -6.06
C PRO C 32 -12.06 -19.79 -5.08
N LYS C 33 -11.19 -20.74 -5.38
CA LYS C 33 -10.07 -21.03 -4.44
C LYS C 33 -9.05 -19.88 -4.41
N ILE C 34 -8.76 -19.39 -3.21
CA ILE C 34 -7.97 -18.21 -3.07
C ILE C 34 -7.49 -18.16 -1.60
N SER C 35 -6.27 -17.66 -1.32
CA SER C 35 -5.88 -17.36 0.08
C SER C 35 -5.81 -15.85 0.22
N ILE C 36 -6.34 -15.36 1.32
CA ILE C 36 -6.32 -13.96 1.65
C ILE C 36 -5.83 -13.85 3.12
N THR C 37 -4.71 -13.13 3.32
CA THR C 37 -4.20 -12.99 4.68
C THR C 37 -3.91 -11.51 5.02
N LEU C 38 -4.56 -11.03 6.06
CA LEU C 38 -4.30 -9.71 6.55
C LEU C 38 -2.98 -9.76 7.32
N MET C 39 -2.12 -8.79 7.03
CA MET C 39 -0.76 -8.75 7.60
C MET C 39 -0.50 -7.45 8.37
N LYS C 40 0.24 -7.55 9.46
CA LYS C 40 0.77 -6.40 10.21
C LYS C 40 2.27 -6.57 10.46
N ASP C 41 3.06 -5.55 10.09
CA ASP C 41 4.52 -5.63 10.20
C ASP C 41 5.10 -6.94 9.73
N GLY C 42 4.70 -7.37 8.53
CA GLY C 42 5.19 -8.62 7.93
C GLY C 42 4.67 -9.97 8.46
N VAL C 43 3.76 -9.94 9.44
CA VAL C 43 3.23 -11.16 10.01
C VAL C 43 1.67 -11.18 9.90
N PRO C 44 1.05 -12.38 9.77
CA PRO C 44 -0.44 -12.45 9.78
C PRO C 44 -1.03 -11.79 11.04
N MET C 45 -2.07 -10.98 10.86
CA MET C 45 -2.77 -10.33 11.96
C MET C 45 -3.53 -11.39 12.70
N GLU C 46 -3.52 -11.30 14.01
CA GLU C 46 -4.39 -12.09 14.84
C GLU C 46 -5.83 -11.59 14.73
N GLY C 47 -6.74 -12.50 15.01
CA GLY C 47 -8.15 -12.19 15.08
C GLY C 47 -8.87 -12.02 13.77
N ALA C 48 -8.28 -12.49 12.65
CA ALA C 48 -8.94 -12.37 11.39
C ALA C 48 -10.14 -13.31 11.19
N GLN C 49 -11.20 -12.74 10.65
CA GLN C 49 -12.50 -13.40 10.39
C GLN C 49 -12.83 -13.33 8.91
N TYR C 50 -13.34 -14.43 8.39
CA TYR C 50 -13.48 -14.66 6.96
C TYR C 50 -14.98 -14.70 6.65
N SER C 51 -15.47 -13.87 5.73
CA SER C 51 -16.88 -13.96 5.35
C SER C 51 -17.13 -15.26 4.56
N ASP C 52 -18.37 -15.76 4.50
CA ASP C 52 -18.66 -16.85 3.57
C ASP C 52 -18.23 -16.38 2.14
N MET C 53 -17.60 -17.27 1.39
CA MET C 53 -17.42 -17.13 -0.05
C MET C 53 -18.78 -16.93 -0.71
N SER C 54 -18.87 -16.00 -1.65
CA SER C 54 -20.11 -15.69 -2.30
C SER C 54 -19.74 -15.32 -3.74
N PHE C 55 -20.73 -15.04 -4.59
CA PHE C 55 -20.47 -14.58 -5.92
C PHE C 55 -21.55 -13.60 -6.37
N ASN C 56 -21.22 -12.80 -7.35
CA ASN C 56 -22.05 -11.64 -7.68
C ASN C 56 -22.93 -12.02 -8.86
N ASP C 57 -23.84 -11.15 -9.29
CA ASP C 57 -24.72 -11.53 -10.41
C ASP C 57 -23.97 -11.92 -11.69
N ASP C 58 -22.71 -11.55 -11.78
CA ASP C 58 -22.05 -11.97 -13.00
C ASP C 58 -21.06 -13.14 -12.83
N TRP C 59 -21.34 -13.88 -11.75
CA TRP C 59 -20.73 -15.17 -11.42
C TRP C 59 -19.34 -15.11 -10.79
N THR C 60 -18.72 -13.92 -10.75
CA THR C 60 -17.38 -13.80 -10.20
C THR C 60 -17.44 -13.88 -8.67
N PHE C 61 -16.48 -14.55 -8.10
CA PHE C 61 -16.44 -14.81 -6.66
C PHE C 61 -15.89 -13.63 -5.90
N GLN C 62 -16.24 -13.53 -4.61
CA GLN C 62 -15.75 -12.43 -3.76
C GLN C 62 -15.73 -12.91 -2.27
N ARG C 63 -14.89 -12.24 -1.47
CA ARG C 63 -14.72 -12.57 -0.12
C ARG C 63 -14.13 -11.38 0.63
N LEU C 64 -14.65 -11.21 1.83
CA LEU C 64 -14.30 -10.17 2.72
C LEU C 64 -13.56 -10.77 3.92
N VAL C 65 -12.38 -10.25 4.22
CA VAL C 65 -11.62 -10.65 5.41
C VAL C 65 -11.41 -9.41 6.25
N HIS C 66 -11.63 -9.50 7.57
CA HIS C 66 -11.57 -8.32 8.46
C HIS C 66 -10.97 -8.71 9.85
N ALA C 67 -10.27 -7.77 10.48
CA ALA C 67 -9.75 -7.96 11.79
C ALA C 67 -9.79 -6.60 12.55
N ASP C 68 -10.15 -6.69 13.82
CA ASP C 68 -10.04 -5.54 14.73
C ASP C 68 -8.58 -5.16 14.85
N PHE C 69 -8.29 -3.87 14.87
CA PHE C 69 -6.92 -3.41 15.03
C PHE C 69 -6.92 -2.02 15.61
N THR C 70 -5.76 -1.64 16.10
CA THR C 70 -5.51 -0.31 16.60
C THR C 70 -4.27 0.10 15.88
N PRO C 71 -4.43 0.89 14.81
CA PRO C 71 -3.24 1.31 14.09
C PRO C 71 -2.32 2.21 14.96
N SER C 72 -1.02 1.99 14.85
CA SER C 72 -0.08 2.78 15.56
C SER C 72 0.89 3.34 14.50
N SER C 73 1.46 4.50 14.80
CA SER C 73 2.47 5.05 13.94
C SER C 73 3.60 4.05 13.87
N GLY C 74 4.06 3.71 12.68
CA GLY C 74 5.26 2.86 12.62
C GLY C 74 4.97 1.41 12.20
N SER C 75 3.70 1.03 12.33
CA SER C 75 3.28 -0.30 11.85
C SER C 75 2.77 -0.15 10.45
N THR C 76 2.91 -1.24 9.74
CA THR C 76 2.57 -1.35 8.33
C THR C 76 1.58 -2.53 8.23
N TYR C 77 0.59 -2.39 7.33
CA TYR C 77 -0.53 -3.31 7.24
C TYR C 77 -0.71 -3.59 5.78
N ALA C 78 -1.06 -4.84 5.46
CA ALA C 78 -1.19 -5.28 4.08
C ALA C 78 -2.16 -6.47 3.99
N CYS C 79 -2.63 -6.78 2.78
CA CYS C 79 -3.34 -8.00 2.57
C CYS C 79 -2.63 -8.85 1.51
N LYS C 80 -2.29 -10.09 1.82
CA LYS C 80 -1.54 -10.92 0.89
C LYS C 80 -2.52 -11.94 0.25
N VAL C 81 -2.47 -12.03 -1.07
CA VAL C 81 -3.44 -12.77 -1.83
C VAL C 81 -2.75 -13.78 -2.71
N GLU C 82 -3.16 -15.05 -2.63
CA GLU C 82 -2.70 -16.12 -3.57
C GLU C 82 -3.93 -16.66 -4.32
N HIS C 83 -3.78 -16.79 -5.64
CA HIS C 83 -4.84 -17.26 -6.52
C HIS C 83 -4.11 -17.85 -7.73
N GLU C 84 -4.74 -18.81 -8.41
CA GLU C 84 -4.01 -19.47 -9.49
C GLU C 84 -3.63 -18.54 -10.65
N THR C 85 -4.31 -17.39 -10.77
CA THR C 85 -4.01 -16.38 -11.80
C THR C 85 -2.69 -15.66 -11.53
N LEU C 86 -2.15 -15.83 -10.32
CA LEU C 86 -0.95 -15.08 -9.86
C LEU C 86 0.22 -16.03 -9.83
N LYS C 87 1.30 -15.64 -10.52
CA LYS C 87 2.58 -16.38 -10.53
C LYS C 87 3.18 -16.45 -9.11
N GLU C 88 3.01 -15.39 -8.35
CA GLU C 88 3.37 -15.37 -6.94
C GLU C 88 2.31 -14.63 -6.10
N PRO C 89 2.32 -14.85 -4.76
CA PRO C 89 1.43 -14.12 -3.85
C PRO C 89 1.60 -12.61 -4.04
N GLN C 90 0.51 -11.85 -3.99
CA GLN C 90 0.56 -10.40 -4.21
C GLN C 90 0.22 -9.69 -2.94
N VAL C 91 1.09 -8.78 -2.53
CA VAL C 91 0.93 -8.01 -1.30
C VAL C 91 0.36 -6.63 -1.62
N TYR C 92 -0.80 -6.34 -1.06
CA TYR C 92 -1.48 -5.04 -1.25
C TYR C 92 -1.35 -4.26 0.03
N LYS C 93 -0.52 -3.22 0.04
CA LYS C 93 -0.40 -2.42 1.31
C LYS C 93 -1.64 -1.62 1.63
N TRP C 94 -1.95 -1.51 2.91
CA TRP C 94 -2.95 -0.56 3.35
C TRP C 94 -2.43 0.89 3.26
N ASP C 95 -3.12 1.73 2.48
CA ASP C 95 -2.89 3.17 2.52
C ASP C 95 -3.72 3.80 3.65
N PRO C 96 -3.09 4.17 4.76
CA PRO C 96 -3.84 4.51 5.95
C PRO C 96 -4.85 5.65 5.78
N GLU C 97 -4.89 6.24 4.57
CA GLU C 97 -5.98 7.15 4.26
C GLU C 97 -7.27 6.47 3.77
N PHE C 98 -7.15 5.19 3.36
CA PHE C 98 -8.30 4.40 2.76
C PHE C 98 -8.85 3.25 3.65
N ASP D 1 3.57 17.12 -1.98
CA ASP D 1 4.31 16.85 -0.72
C ASP D 1 4.41 15.36 -0.46
N LEU D 2 5.34 14.99 0.44
CA LEU D 2 5.62 13.60 0.72
C LEU D 2 5.80 13.40 2.19
N THR D 3 5.02 12.46 2.76
CA THR D 3 5.11 12.22 4.19
C THR D 3 6.41 11.47 4.61
N PRO D 4 6.99 11.82 5.79
CA PRO D 4 8.23 11.14 6.22
C PRO D 4 7.99 9.69 6.59
N LYS D 5 8.94 8.81 6.25
CA LYS D 5 8.91 7.43 6.68
C LYS D 5 9.98 7.40 7.76
N VAL D 6 9.64 6.86 8.93
CA VAL D 6 10.44 7.05 10.13
C VAL D 6 10.77 5.69 10.75
N GLN D 7 12.05 5.52 11.12
CA GLN D 7 12.51 4.33 11.77
C GLN D 7 13.17 4.71 13.03
N VAL D 8 12.89 3.95 14.07
CA VAL D 8 13.50 4.18 15.33
C VAL D 8 14.19 2.88 15.69
N TYR D 9 15.46 3.00 16.06
CA TYR D 9 16.25 1.82 16.31
C TYR D 9 17.52 2.16 17.09
N SER D 10 18.14 1.16 17.70
CA SER D 10 19.32 1.43 18.47
C SER D 10 20.57 1.01 17.67
N ARG D 11 21.71 1.56 18.07
CA ARG D 11 22.98 1.27 17.44
C ARG D 11 23.35 -0.21 17.57
N PHE D 12 23.21 -0.75 18.78
CA PHE D 12 23.52 -2.10 19.10
C PHE D 12 22.25 -2.77 19.64
N PRO D 13 22.13 -4.10 19.50
CA PRO D 13 21.16 -4.86 20.27
C PRO D 13 21.12 -4.37 21.73
N ALA D 14 19.97 -3.86 22.15
CA ALA D 14 19.78 -3.27 23.47
C ALA D 14 19.77 -4.27 24.60
N SER D 15 20.24 -3.83 25.76
CA SER D 15 20.30 -4.65 26.94
C SER D 15 20.18 -3.68 28.12
N ALA D 16 19.34 -4.01 29.08
CA ALA D 16 19.06 -3.18 30.25
C ALA D 16 20.33 -2.83 30.99
N GLY D 17 20.51 -1.54 31.28
CA GLY D 17 21.76 -1.07 31.90
C GLY D 17 23.02 -0.95 31.05
N THR D 18 22.96 -1.26 29.74
CA THR D 18 24.16 -1.21 28.88
C THR D 18 24.09 0.01 27.95
N LYS D 19 25.18 0.82 27.92
CA LYS D 19 25.17 2.09 27.16
C LYS D 19 24.93 1.82 25.67
N ASN D 20 24.24 2.72 24.99
CA ASN D 20 23.86 2.46 23.63
C ASN D 20 23.60 3.83 23.03
N VAL D 21 23.00 3.83 21.84
CA VAL D 21 22.61 5.05 21.18
C VAL D 21 21.25 4.81 20.56
N LEU D 22 20.31 5.74 20.74
CA LEU D 22 18.98 5.67 20.14
C LEU D 22 18.94 6.57 18.89
N ASN D 23 18.38 6.06 17.82
CA ASN D 23 18.42 6.68 16.50
C ASN D 23 17.01 6.85 16.02
N CYS D 24 16.66 8.02 15.49
CA CYS D 24 15.42 8.19 14.78
C CYS D 24 15.81 8.78 13.39
N PHE D 25 15.46 8.04 12.34
CA PHE D 25 15.78 8.42 10.98
C PHE D 25 14.48 8.69 10.28
N ALA D 26 14.26 9.94 9.85
CA ALA D 26 13.12 10.33 9.07
C ALA D 26 13.59 10.48 7.63
N ALA D 27 12.85 9.91 6.66
CA ALA D 27 13.30 9.96 5.29
C ALA D 27 12.15 10.00 4.28
N GLY D 28 12.49 10.28 3.02
CA GLY D 28 11.50 10.17 1.91
C GLY D 28 10.50 11.31 1.95
N PHE D 29 10.84 12.42 2.64
CA PHE D 29 9.87 13.54 2.80
C PHE D 29 10.16 14.79 1.94
N HIS D 30 9.14 15.63 1.75
CA HIS D 30 9.23 16.86 0.99
C HIS D 30 7.99 17.65 1.41
N PRO D 31 8.15 18.94 1.83
CA PRO D 31 9.31 19.82 1.92
C PRO D 31 10.25 19.43 3.06
N PRO D 32 11.44 20.03 3.12
CA PRO D 32 12.46 19.65 4.12
C PRO D 32 12.13 20.10 5.55
N LYS D 33 11.23 21.05 5.73
CA LYS D 33 10.96 21.52 7.10
C LYS D 33 10.30 20.39 7.93
N ILE D 34 10.87 20.07 9.08
CA ILE D 34 10.37 18.96 9.81
C ILE D 34 10.88 19.09 11.23
N SER D 35 10.12 18.59 12.19
CA SER D 35 10.55 18.58 13.59
C SER D 35 10.61 17.11 14.00
N ILE D 36 11.79 16.69 14.45
CA ILE D 36 12.09 15.36 14.93
C ILE D 36 12.61 15.43 16.40
N THR D 37 11.91 14.76 17.33
CA THR D 37 12.28 14.85 18.75
C THR D 37 12.31 13.45 19.41
N LEU D 38 13.47 13.06 19.88
CA LEU D 38 13.61 11.83 20.62
C LEU D 38 13.02 12.04 22.00
N MET D 39 12.26 11.05 22.44
CA MET D 39 11.52 11.13 23.69
C MET D 39 11.77 9.92 24.58
N LYS D 40 11.87 10.19 25.88
CA LYS D 40 11.92 9.14 26.92
C LYS D 40 10.92 9.37 28.05
N ASP D 41 10.08 8.36 28.32
CA ASP D 41 9.05 8.48 29.36
C ASP D 41 8.20 9.78 29.19
N GLY D 42 7.79 10.06 27.95
CA GLY D 42 6.99 11.28 27.65
C GLY D 42 7.69 12.67 27.61
N VAL D 43 9.00 12.73 27.81
CA VAL D 43 9.72 14.02 27.72
C VAL D 43 10.88 13.93 26.71
N PRO D 44 11.28 15.09 26.11
CA PRO D 44 12.47 15.10 25.22
C PRO D 44 13.69 14.48 25.91
N MET D 45 14.39 13.57 25.23
CA MET D 45 15.67 13.06 25.73
C MET D 45 16.71 14.12 25.65
N GLU D 46 17.57 14.15 26.64
CA GLU D 46 18.70 15.03 26.62
C GLU D 46 19.80 14.46 25.73
N GLY D 47 20.70 15.34 25.34
CA GLY D 47 21.85 14.95 24.56
C GLY D 47 21.54 14.60 23.13
N ALA D 48 20.34 14.94 22.62
CA ALA D 48 20.10 14.71 21.21
C ALA D 48 20.96 15.56 20.26
N GLN D 49 21.46 14.91 19.22
CA GLN D 49 22.28 15.47 18.13
C GLN D 49 21.63 15.21 16.79
N TYR D 50 21.70 16.21 15.93
CA TYR D 50 20.96 16.31 14.69
C TYR D 50 21.96 16.31 13.52
N SER D 51 21.86 15.34 12.61
CA SER D 51 22.68 15.35 11.43
C SER D 51 22.28 16.52 10.51
N ASP D 52 23.20 16.94 9.63
CA ASP D 52 22.82 17.82 8.53
C ASP D 52 21.60 17.22 7.77
N MET D 53 20.60 18.05 7.54
CA MET D 53 19.59 17.76 6.55
C MET D 53 20.24 17.41 5.24
N SER D 54 19.76 16.35 4.59
CA SER D 54 20.32 15.95 3.32
C SER D 54 19.16 15.50 2.43
N PHE D 55 19.48 15.10 1.20
CA PHE D 55 18.49 14.47 0.35
C PHE D 55 19.16 13.40 -0.52
N ASN D 56 18.32 12.53 -1.05
CA ASN D 56 18.81 11.37 -1.74
C ASN D 56 18.69 11.54 -3.25
N ASP D 57 19.14 10.54 -3.98
CA ASP D 57 19.15 10.68 -5.42
C ASP D 57 17.77 10.96 -6.04
N ASP D 58 16.68 10.55 -5.39
CA ASP D 58 15.36 10.97 -5.91
C ASP D 58 14.77 12.24 -5.28
N TRP D 59 15.67 13.08 -4.73
CA TRP D 59 15.35 14.41 -4.24
C TRP D 59 14.64 14.47 -2.88
N THR D 60 14.18 13.34 -2.34
CA THR D 60 13.50 13.39 -1.02
C THR D 60 14.48 13.62 0.11
N PHE D 61 14.06 14.42 1.07
CA PHE D 61 14.86 14.81 2.20
C PHE D 61 14.90 13.75 3.25
N GLN D 62 15.97 13.75 4.07
CA GLN D 62 16.17 12.81 5.16
C GLN D 62 17.03 13.43 6.27
N ARG D 63 16.82 12.95 7.52
CA ARG D 63 17.62 13.41 8.64
C ARG D 63 17.68 12.34 9.76
N LEU D 64 18.86 12.24 10.36
CA LEU D 64 19.14 11.33 11.44
C LEU D 64 19.30 12.15 12.74
N VAL D 65 18.60 11.74 13.80
CA VAL D 65 18.74 12.32 15.12
C VAL D 65 19.11 11.16 16.03
N HIS D 66 20.12 11.35 16.89
CA HIS D 66 20.56 10.25 17.76
C HIS D 66 20.90 10.79 19.14
N ALA D 67 20.68 9.97 20.18
CA ALA D 67 21.11 10.33 21.53
C ALA D 67 21.71 9.10 22.20
N ASP D 68 22.80 9.31 22.91
CA ASP D 68 23.32 8.28 23.82
C ASP D 68 22.30 7.97 24.86
N PHE D 69 22.18 6.70 25.23
CA PHE D 69 21.28 6.33 26.34
C PHE D 69 21.63 5.00 26.93
N THR D 70 20.96 4.72 28.03
CA THR D 70 21.11 3.46 28.72
C THR D 70 19.69 3.04 28.96
N PRO D 71 19.16 2.14 28.11
CA PRO D 71 17.80 1.65 28.32
C PRO D 71 17.61 0.95 29.68
N SER D 72 16.53 1.31 30.37
CA SER D 72 16.19 0.65 31.60
C SER D 72 14.81 0.00 31.45
N SER D 73 14.64 -1.13 32.16
CA SER D 73 13.34 -1.76 32.26
C SER D 73 12.36 -0.77 32.85
N GLY D 74 11.26 -0.51 32.15
CA GLY D 74 10.28 0.39 32.75
C GLY D 74 10.18 1.71 31.99
N SER D 75 11.28 2.10 31.32
CA SER D 75 11.26 3.31 30.48
C SER D 75 10.75 3.02 29.12
N THR D 76 10.23 4.06 28.52
CA THR D 76 9.63 3.99 27.22
C THR D 76 10.33 5.02 26.34
N TYR D 77 10.53 4.70 25.05
CA TYR D 77 11.28 5.58 24.18
C TYR D 77 10.51 5.72 22.88
N ALA D 78 10.58 6.92 22.29
CA ALA D 78 9.86 7.27 21.06
C ALA D 78 10.51 8.40 20.30
N CYS D 79 10.10 8.56 19.04
CA CYS D 79 10.52 9.69 18.24
C CYS D 79 9.26 10.41 17.76
N LYS D 80 9.12 11.68 18.13
CA LYS D 80 7.93 12.45 17.78
C LYS D 80 8.30 13.34 16.56
N VAL D 81 7.42 13.33 15.56
CA VAL D 81 7.71 13.93 14.28
C VAL D 81 6.57 14.82 13.84
N GLU D 82 6.84 16.10 13.55
CA GLU D 82 5.85 17.04 12.97
C GLU D 82 6.33 17.44 11.60
N HIS D 83 5.41 17.49 10.64
CA HIS D 83 5.69 17.80 9.22
C HIS D 83 4.37 18.22 8.65
N GLU D 84 4.41 19.07 7.64
CA GLU D 84 3.19 19.63 7.09
C GLU D 84 2.21 18.57 6.53
N THR D 85 2.73 17.39 6.13
CA THR D 85 1.87 16.29 5.62
C THR D 85 1.01 15.65 6.74
N LEU D 86 1.35 15.94 8.00
CA LEU D 86 0.77 15.24 9.15
C LEU D 86 -0.22 16.19 9.83
N LYS D 87 -1.49 15.79 9.88
CA LYS D 87 -2.55 16.53 10.65
C LYS D 87 -2.10 16.84 12.10
N GLU D 88 -1.32 15.95 12.70
CA GLU D 88 -0.83 16.13 14.05
C GLU D 88 0.53 15.43 14.15
N PRO D 89 1.34 15.80 15.17
CA PRO D 89 2.63 15.16 15.40
C PRO D 89 2.43 13.64 15.52
N GLN D 90 3.34 12.84 14.98
CA GLN D 90 3.17 11.39 15.08
C GLN D 90 4.23 10.90 16.03
N VAL D 91 3.84 10.05 16.94
CA VAL D 91 4.76 9.44 17.86
C VAL D 91 5.04 7.99 17.44
N TYR D 92 6.32 7.67 17.26
CA TYR D 92 6.71 6.34 16.79
C TYR D 92 7.42 5.72 17.94
N LYS D 93 6.81 4.74 18.61
CA LYS D 93 7.52 4.14 19.75
C LYS D 93 8.76 3.31 19.29
N TRP D 94 9.81 3.35 20.08
CA TRP D 94 10.93 2.40 19.93
C TRP D 94 10.51 0.97 20.33
N ASP D 95 10.64 0.04 19.41
CA ASP D 95 10.53 -1.37 19.76
C ASP D 95 11.87 -1.93 20.29
N PRO D 96 12.01 -2.19 21.61
CA PRO D 96 13.37 -2.42 22.13
C PRO D 96 14.16 -3.55 21.41
N GLU D 97 13.52 -4.21 20.43
CA GLU D 97 14.19 -5.26 19.68
C GLU D 97 14.88 -4.75 18.42
N PHE D 98 14.56 -3.50 18.03
CA PHE D 98 15.11 -2.83 16.84
C PHE D 98 15.95 -1.60 17.22
C6 UNL E . -36.42 -30.06 -7.23
C7 UNL E . -35.20 -29.17 -6.96
C8 UNL E . -34.78 -28.44 -8.24
C9 UNL E . -34.58 -26.93 -8.00
C10 UNL E . -35.89 -26.27 -7.56
C11 UNL E . -35.77 -24.78 -7.41
C12 UNL E . -36.86 -24.34 -6.48
C13 UNL E . -36.79 -22.89 -6.05
C14 UNL E . -36.21 -22.84 -4.64
C15 UNL E . -37.28 -22.87 -3.53
C16 UNL E . -36.82 -21.87 -2.46
C17 UNL E . -37.61 -22.04 -1.17
C18 UNL E . -36.72 -22.35 0.06
C19 UNL E . -36.07 -21.11 0.64
C20 UNL E . -35.16 -21.64 1.75
C21 UNL E . -34.54 -20.54 2.58
C22 UNL E . -33.52 -21.16 3.56
C23 UNL E . -32.42 -20.23 4.08
C24 UNL E . -31.16 -21.00 4.52
C25 UNL E . -30.10 -21.01 3.38
C26 UNL E . -29.14 -22.23 3.37
C27 UNL E . -28.10 -22.13 2.26
C28 UNL E . -28.63 -22.74 0.97
C29 UNL E . -27.53 -23.06 -0.02
C30 UNL E . -27.86 -24.25 -0.91
C31 UNL E . -28.26 -23.87 -2.32
C32 UNL E . -28.75 -25.09 -3.08
C33 UNL E . -29.93 -24.67 -3.99
C34 UNL E . -31.06 -25.70 -3.81
C35 UNL E . -32.41 -25.32 -4.42
C36 UNL E . -33.52 -26.23 -3.86
C37 UNL E . -34.43 -25.61 -2.79
C38 UNL E . -35.47 -26.65 -2.44
C39 UNL E . -36.92 -26.13 -2.35
C40 UNL E . -37.53 -26.65 -1.08
C41 UNL E . -38.99 -26.23 -0.97
C42 UNL E . -39.79 -27.12 -0.04
C43 UNL E . -40.92 -26.26 0.53
C44 UNL E . -41.58 -26.73 1.83
C45 UNL E . -42.01 -25.47 2.64
C46 UNL E . -43.03 -24.59 1.87
C47 UNL E . -43.63 -23.52 2.77
C48 UNL E . -44.58 -22.57 2.05
C49 UNL E . -45.02 -21.44 3.01
C50 UNL E . -46.49 -21.07 2.87
C6 UNL F . -23.91 -31.90 -18.58
C7 UNL F . -24.06 -31.80 -17.04
C8 UNL F . -24.75 -30.52 -16.58
C9 UNL F . -25.94 -30.87 -15.71
C10 UNL F . -25.97 -29.91 -14.51
C11 UNL F . -27.23 -30.04 -13.65
C12 UNL F . -28.46 -29.41 -14.34
C13 UNL F . -29.45 -28.72 -13.40
C14 UNL F . -29.47 -29.29 -11.96
C15 UNL F . -30.79 -29.96 -11.60
C16 UNL F . -30.62 -31.19 -10.66
C17 UNL F . -31.78 -31.24 -9.64
C18 UNL F . -32.16 -32.64 -9.09
C19 UNL F . -33.61 -32.71 -8.56
C20 UNL F . -33.78 -33.21 -7.10
C21 UNL F . -35.12 -33.90 -6.87
CL CL G . -17.04 -3.70 10.96
C1 NAG H . -34.12 -38.00 -24.25
C2 NAG H . -32.67 -38.42 -24.52
C3 NAG H . -32.48 -39.32 -25.75
C4 NAG H . -33.55 -40.44 -25.80
C5 NAG H . -34.90 -39.74 -25.68
C6 NAG H . -36.12 -40.63 -25.93
C7 NAG H . -30.76 -37.23 -23.85
C8 NAG H . -29.79 -36.08 -24.00
N2 NAG H . -31.78 -37.31 -24.68
O3 NAG H . -31.15 -39.80 -25.77
O4 NAG H . -33.44 -41.24 -26.96
O5 NAG H . -34.97 -39.13 -24.40
O6 NAG H . -36.73 -41.07 -24.74
O7 NAG H . -30.61 -38.05 -22.96
C1 NAG I . -47.23 -17.22 -11.57
C2 NAG I . -47.99 -17.55 -12.88
C3 NAG I . -49.02 -16.46 -13.28
C4 NAG I . -50.03 -16.29 -12.14
C5 NAG I . -49.34 -16.06 -10.76
C6 NAG I . -50.36 -16.26 -9.64
C7 NAG I . -46.88 -19.21 -14.27
C8 NAG I . -46.00 -19.50 -15.44
N2 NAG I . -47.12 -17.92 -14.01
O3 NAG I . -49.68 -16.77 -14.51
O4 NAG I . -51.00 -15.29 -12.46
O5 NAG I . -48.15 -16.87 -10.52
O6 NAG I . -49.89 -15.85 -8.37
O7 NAG I . -47.33 -20.16 -13.61
C1 NAG J . -9.55 -37.00 -6.00
C2 NAG J . -8.56 -38.17 -5.87
C3 NAG J . -8.41 -38.58 -4.39
C4 NAG J . -7.81 -37.36 -3.64
C5 NAG J . -8.76 -36.14 -3.80
C6 NAG J . -8.28 -34.84 -3.10
C7 NAG J . -8.17 -39.68 -7.80
C8 NAG J . -8.69 -40.85 -8.60
N2 NAG J . -8.91 -39.30 -6.75
O3 NAG J . -7.72 -39.82 -4.24
O4 NAG J . -7.61 -37.61 -2.26
O5 NAG J . -9.16 -35.90 -5.17
O6 NAG J . -7.57 -33.90 -3.90
O7 NAG J . -7.09 -39.16 -8.13
C6 UNL K . 30.34 29.28 -9.94
C7 UNL K . 29.03 28.65 -10.44
C8 UNL K . 29.25 27.68 -11.60
C9 UNL K . 28.19 26.56 -11.62
C10 UNL K . 28.64 25.31 -10.83
C11 UNL K . 29.14 24.11 -11.69
C12 UNL K . 30.53 23.71 -11.19
C13 UNL K . 30.85 22.20 -11.07
C14 UNL K . 31.36 21.86 -9.66
C15 UNL K . 32.87 22.03 -9.42
C16 UNL K . 33.23 21.04 -8.28
C17 UNL K . 34.34 21.53 -7.33
C18 UNL K . 34.04 20.99 -5.93
C19 UNL K . 34.87 21.71 -4.88
C20 UNL K . 34.09 21.73 -3.60
C21 UNL K . 34.66 20.81 -2.51
C22 UNL K . 34.45 21.48 -1.14
C23 UNL K . 33.88 20.60 0.00
C24 UNL K . 33.24 21.50 1.08
C25 UNL K . 31.69 21.47 0.89
C26 UNL K . 30.94 22.52 1.73
C27 UNL K . 29.42 22.56 1.46
C28 UNL K . 29.15 22.81 -0.01
C29 UNL K . 27.75 23.42 -0.22
C30 UNL K . 27.47 23.49 -1.73
C31 UNL K . 26.13 24.14 -1.94
C32 UNL K . 26.09 24.83 -3.29
C33 UNL K . 26.70 24.08 -4.46
C34 UNL K . 27.61 25.09 -5.20
C35 UNL K . 27.89 24.79 -6.67
C36 UNL K . 29.07 25.60 -7.19
C37 UNL K . 30.46 25.01 -6.82
C38 UNL K . 31.56 25.90 -7.36
C39 UNL K . 32.95 25.25 -7.35
C40 UNL K . 33.92 26.20 -8.03
C41 UNL K . 35.37 25.71 -8.00
C42 UNL K . 36.43 26.73 -8.42
C43 UNL K . 37.76 25.97 -8.26
C44 UNL K . 39.08 26.73 -8.12
C45 UNL K . 40.14 25.78 -7.50
C46 UNL K . 40.75 24.83 -8.55
C47 UNL K . 41.51 23.67 -7.91
C48 UNL K . 42.07 22.68 -8.96
C49 UNL K . 42.69 21.51 -8.20
C50 UNL K . 44.00 20.97 -8.79
C6 UNL L . 13.47 30.08 -12.88
C7 UNL L . 14.84 29.92 -12.22
C8 UNL L . 15.26 28.46 -12.36
C9 UNL L . 16.60 28.16 -11.70
C10 UNL L . 17.74 28.77 -12.52
C11 UNL L . 18.86 27.74 -12.74
C12 UNL L . 20.02 27.99 -11.78
C13 UNL L . 21.38 27.77 -12.48
C14 UNL L . 22.51 28.32 -11.61
C15 UNL L . 22.84 29.82 -11.85
C16 UNL L . 24.27 30.11 -11.34
C17 UNL L . 24.67 31.59 -11.43
C18 UNL L . 26.10 31.80 -10.86
C19 UNL L . 27.23 31.94 -11.92
C20 UNL L . 28.58 32.39 -11.29
C21 UNL L . 29.15 33.68 -11.95
C1 NAG M . 34.32 1.66 -17.99
C2 NAG M . 34.14 1.47 -19.52
C3 NAG M . 32.64 1.50 -19.90
C4 NAG M . 31.91 0.45 -19.03
C5 NAG M . 32.06 0.81 -17.54
C6 NAG M . 31.44 -0.26 -16.63
C7 NAG M . 35.40 2.28 -21.51
C8 NAG M . 36.22 3.43 -22.06
N2 NAG M . 34.95 2.43 -20.25
O3 NAG M . 32.40 1.24 -21.28
O4 NAG M . 30.56 0.35 -19.42
O5 NAG M . 33.44 0.93 -17.16
O6 NAG M . 30.28 0.23 -15.98
O7 NAG M . 35.18 1.30 -22.23
C1 NAG N . 8.83 36.76 5.33
C2 NAG N . 8.30 37.87 6.23
C3 NAG N . 9.01 37.95 7.59
C4 NAG N . 9.02 36.59 8.30
C5 NAG N . 9.63 35.53 7.36
C6 NAG N . 9.52 34.09 7.92
C7 NAG N . 7.53 39.64 4.72
C8 NAG N . 7.85 40.97 4.12
N2 NAG N . 8.45 39.15 5.56
O3 NAG N . 8.47 38.95 8.44
O4 NAG N . 9.67 36.73 9.56
O5 NAG N . 9.02 35.54 6.06
O6 NAG N . 8.33 33.46 7.50
O7 NAG N . 6.47 39.07 4.45
C1 NAG O . 36.03 15.23 -20.77
C2 NAG O . 35.93 15.51 -22.28
C3 NAG O . 36.45 14.38 -23.18
C4 NAG O . 37.86 13.94 -22.76
C5 NAG O . 37.93 13.69 -21.23
C6 NAG O . 39.36 13.37 -20.74
C7 NAG O . 34.22 17.14 -22.85
C8 NAG O . 32.82 17.36 -23.31
N2 NAG O . 34.57 15.87 -22.70
O3 NAG O . 36.38 14.78 -24.55
O4 NAG O . 38.33 12.85 -23.58
O5 NAG O . 37.35 14.75 -20.43
O6 NAG O . 40.19 14.53 -20.58
O7 NAG O . 34.96 18.10 -22.63
CL CL P . 26.67 5.64 16.83
#